data_4Y8D
#
_entry.id   4Y8D
#
_cell.length_a   37.706
_cell.length_b   68.703
_cell.length_c   89.868
_cell.angle_alpha   109.70
_cell.angle_beta   95.08
_cell.angle_gamma   99.04
#
_symmetry.space_group_name_H-M   'P 1'
#
loop_
_entity.id
_entity.type
_entity.pdbx_description
1 polymer 'Cyclin-G-associated kinase'
2 polymer nanobody
3 non-polymer 2-methoxy-4-[3-(morpholin-4-yl)[1,2]thiazolo[4,3-b]pyridin-6-yl]aniline
4 non-polymer 1,2-ETHANEDIOL
5 water water
#
loop_
_entity_poly.entity_id
_entity_poly.type
_entity_poly.pdbx_seq_one_letter_code
_entity_poly.pdbx_strand_id
1 'polypeptide(L)'
;SMPGSLGGASGRDQSDFVGQTVELGELRLRVRRVLAEGGFAFVYEAQDVGSGREYALKRLLSNEEEKNRAIIQEVCFMKK
LSGHPNIVQFCSAASIGKEESDTGQAEFLLLTELCKGQLVEFLKKMESRGPLSCDTVLKIFYQTCRAVQHMHRQKPPIIH
RDLKVENLLLSNQGTIKLCDFGSATTISHYPDYSWSAQRRALVEEEITRNTTPMYRTPEIIDLYSNFPIGEKQDIWALGC
ILYLLCFRQHPFEDGAKLRIVNGKYSIPPHDTQYTVFHSLIRAMLQVNPEERLSIAEVVHQLQEIAAARNVNPKSPITEL
LEQNGGYGSATLSRGPPPPV
;
A,B
2 'polypeptide(L)'
;QVQLQESGGGSVQAGGSLRLSCGASEYTSRMGWFRQAPGAEREGVACIHRQSNLSYYSDSVRGRFTISQDNAKTTAFLLM
SSLKPEDTAIYYCATTTDCAAFVERATAITAGQGTQVTVSSAAAYPYDVPDYGSHHHHHH
;
C,D
#
loop_
_chem_comp.id
_chem_comp.type
_chem_comp.name
_chem_comp.formula
49J non-polymer 2-methoxy-4-[3-(morpholin-4-yl)[1,2]thiazolo[4,3-b]pyridin-6-yl]aniline 'C17 H18 N4 O2 S'
EDO non-polymer 1,2-ETHANEDIOL 'C2 H6 O2'
#
# COMPACT_ATOMS: atom_id res chain seq x y z
N ASP A 16 -31.02 -5.82 -11.77
CA ASP A 16 -31.40 -5.87 -13.21
C ASP A 16 -30.27 -5.35 -14.12
N PHE A 17 -29.04 -5.80 -13.86
CA PHE A 17 -27.87 -5.37 -14.66
C PHE A 17 -27.72 -6.20 -15.92
N VAL A 18 -28.24 -7.41 -15.88
CA VAL A 18 -28.20 -8.28 -17.04
C VAL A 18 -29.06 -7.69 -18.18
N GLY A 19 -28.48 -7.71 -19.39
CA GLY A 19 -29.14 -7.21 -20.59
C GLY A 19 -28.54 -5.91 -21.12
N GLN A 20 -27.92 -5.14 -20.23
CA GLN A 20 -27.45 -3.81 -20.57
C GLN A 20 -26.23 -3.84 -21.48
N THR A 21 -25.90 -2.67 -22.04
CA THR A 21 -24.65 -2.49 -22.76
C THR A 21 -23.76 -1.51 -22.00
N VAL A 22 -22.46 -1.79 -22.00
CA VAL A 22 -21.48 -0.97 -21.28
C VAL A 22 -20.27 -0.68 -22.17
N GLU A 23 -19.51 0.35 -21.80
CA GLU A 23 -18.43 0.85 -22.61
C GLU A 23 -17.22 1.02 -21.74
N LEU A 24 -16.17 0.28 -22.05
CA LEU A 24 -14.88 0.45 -21.41
C LEU A 24 -13.88 0.98 -22.43
N GLY A 25 -14.05 2.26 -22.77
CA GLY A 25 -13.16 2.95 -23.70
C GLY A 25 -13.48 2.59 -25.13
N GLU A 26 -12.45 2.20 -25.87
CA GLU A 26 -12.61 1.62 -27.21
C GLU A 26 -13.70 0.55 -27.21
N LEU A 27 -13.77 -0.26 -26.15
CA LEU A 27 -14.66 -1.41 -26.11
C LEU A 27 -16.09 -1.01 -25.73
N ARG A 28 -17.03 -1.70 -26.35
CA ARG A 28 -18.44 -1.57 -26.06
C ARG A 28 -18.95 -3.00 -26.04
N LEU A 29 -19.74 -3.37 -25.03
CA LEU A 29 -20.07 -4.78 -24.84
C LEU A 29 -21.32 -5.05 -24.01
N ARG A 30 -21.85 -6.26 -24.19
CA ARG A 30 -23.18 -6.61 -23.69
C ARG A 30 -23.16 -7.62 -22.56
N VAL A 31 -23.99 -7.35 -21.55
CA VAL A 31 -24.04 -8.13 -20.33
C VAL A 31 -25.03 -9.28 -20.48
N ARG A 32 -24.50 -10.51 -20.52
CA ARG A 32 -25.27 -11.68 -20.94
C ARG A 32 -25.96 -12.41 -19.77
N ARG A 33 -25.24 -12.61 -18.67
CA ARG A 33 -25.77 -13.36 -17.52
C ARG A 33 -24.91 -13.20 -16.26
N VAL A 34 -25.45 -13.64 -15.12
CA VAL A 34 -24.73 -13.68 -13.86
C VAL A 34 -23.87 -14.92 -13.85
N LEU A 35 -22.70 -14.82 -13.22
CA LEU A 35 -21.83 -15.98 -12.93
C LEU A 35 -21.67 -16.21 -11.41
N ALA A 36 -21.54 -15.13 -10.63
CA ALA A 36 -21.48 -15.21 -9.16
C ALA A 36 -22.02 -13.93 -8.53
N GLU A 37 -22.73 -14.06 -7.40
CA GLU A 37 -23.32 -12.91 -6.69
C GLU A 37 -22.38 -12.48 -5.53
N GLY A 38 -22.86 -12.47 -4.28
CA GLY A 38 -21.99 -12.26 -3.11
C GLY A 38 -22.28 -11.02 -2.28
N GLY A 39 -21.24 -10.47 -1.66
CA GLY A 39 -21.38 -9.32 -0.75
C GLY A 39 -21.40 -7.96 -1.46
N PHE A 40 -20.23 -7.40 -1.71
CA PHE A 40 -20.09 -6.08 -2.33
C PHE A 40 -20.19 -6.12 -3.85
N ALA A 41 -20.00 -7.32 -4.43
CA ALA A 41 -19.72 -7.47 -5.87
C ALA A 41 -20.65 -8.46 -6.59
N PHE A 42 -20.65 -8.39 -7.92
CA PHE A 42 -21.25 -9.42 -8.78
C PHE A 42 -20.36 -9.63 -9.98
N VAL A 43 -20.38 -10.85 -10.52
CA VAL A 43 -19.62 -11.19 -11.71
C VAL A 43 -20.56 -11.64 -12.84
N TYR A 44 -20.30 -11.15 -14.05
CA TYR A 44 -21.14 -11.42 -15.21
C TYR A 44 -20.32 -11.84 -16.42
N GLU A 45 -20.96 -12.58 -17.32
CA GLU A 45 -20.40 -12.81 -18.65
C GLU A 45 -20.73 -11.62 -19.53
N ALA A 46 -19.76 -11.17 -20.33
CA ALA A 46 -19.94 -10.00 -21.19
C ALA A 46 -19.27 -10.18 -22.55
N GLN A 47 -19.90 -9.64 -23.61
CA GLN A 47 -19.44 -9.84 -24.99
C GLN A 47 -19.19 -8.54 -25.73
N ASP A 48 -18.02 -8.43 -26.36
CA ASP A 48 -17.72 -7.29 -27.21
C ASP A 48 -18.69 -7.28 -28.37
N VAL A 49 -19.50 -6.24 -28.43
CA VAL A 49 -20.59 -6.13 -29.40
C VAL A 49 -20.08 -5.95 -30.83
N GLY A 50 -18.86 -5.41 -30.98
CA GLY A 50 -18.23 -5.30 -32.29
C GLY A 50 -17.35 -6.49 -32.66
N SER A 51 -16.46 -6.86 -31.74
CA SER A 51 -15.46 -7.89 -32.01
C SER A 51 -15.91 -9.33 -31.73
N GLY A 52 -17.00 -9.50 -30.99
CA GLY A 52 -17.54 -10.84 -30.69
C GLY A 52 -16.84 -11.62 -29.59
N ARG A 53 -15.72 -11.12 -29.10
CA ARG A 53 -14.92 -11.80 -28.08
C ARG A 53 -15.59 -11.65 -26.71
N GLU A 54 -15.51 -12.70 -25.89
CA GLU A 54 -16.17 -12.71 -24.56
C GLU A 54 -15.22 -12.42 -23.41
N TYR A 55 -15.79 -11.98 -22.28
CA TYR A 55 -15.06 -11.45 -21.14
C TYR A 55 -15.79 -11.71 -19.83
N ALA A 56 -15.04 -11.70 -18.74
CA ALA A 56 -15.60 -11.63 -17.40
C ALA A 56 -15.65 -10.17 -16.97
N LEU A 57 -16.70 -9.83 -16.23
CA LEU A 57 -16.91 -8.45 -15.80
C LEU A 57 -17.30 -8.46 -14.34
N LYS A 58 -16.46 -7.89 -13.49
CA LYS A 58 -16.76 -7.79 -12.08
C LYS A 58 -17.22 -6.37 -11.78
N ARG A 59 -18.29 -6.27 -11.02
CA ARG A 59 -18.88 -4.98 -10.73
C ARG A 59 -18.92 -4.83 -9.22
N LEU A 60 -18.18 -3.85 -8.72
CA LEU A 60 -18.04 -3.62 -7.28
C LEU A 60 -18.71 -2.30 -6.91
N LEU A 61 -19.49 -2.34 -5.84
CA LEU A 61 -20.29 -1.20 -5.41
C LEU A 61 -19.64 -0.53 -4.20
N SER A 62 -19.59 0.80 -4.19
CA SER A 62 -19.06 1.55 -3.05
C SER A 62 -19.92 2.73 -2.69
N ASN A 63 -20.14 2.88 -1.40
CA ASN A 63 -20.79 4.06 -0.83
C ASN A 63 -19.92 4.72 0.24
N GLU A 64 -18.65 4.32 0.31
CA GLU A 64 -17.69 4.81 1.30
C GLU A 64 -16.31 5.04 0.64
N GLU A 65 -15.62 6.13 0.97
CA GLU A 65 -14.22 6.31 0.48
C GLU A 65 -13.25 5.18 0.88
N GLU A 66 -13.50 4.61 2.05
CA GLU A 66 -12.80 3.41 2.51
C GLU A 66 -12.90 2.28 1.49
N LYS A 67 -14.11 1.99 1.06
CA LYS A 67 -14.33 0.96 0.05
C LYS A 67 -13.73 1.33 -1.31
N ASN A 68 -13.84 2.59 -1.70
CA ASN A 68 -13.19 3.09 -2.92
C ASN A 68 -11.71 2.69 -2.91
N ARG A 69 -11.05 2.90 -1.78
CA ARG A 69 -9.63 2.64 -1.66
CA ARG A 69 -9.63 2.64 -1.66
C ARG A 69 -9.34 1.13 -1.84
N ALA A 70 -10.08 0.27 -1.12
CA ALA A 70 -9.98 -1.21 -1.23
C ALA A 70 -10.23 -1.72 -2.66
N ILE A 71 -11.24 -1.15 -3.33
CA ILE A 71 -11.55 -1.54 -4.71
C ILE A 71 -10.46 -1.12 -5.71
N ILE A 72 -10.01 0.12 -5.63
CA ILE A 72 -8.92 0.60 -6.50
C ILE A 72 -7.63 -0.24 -6.26
N GLN A 73 -7.36 -0.56 -5.01
CA GLN A 73 -6.22 -1.39 -4.69
C GLN A 73 -6.31 -2.78 -5.38
N GLU A 74 -7.48 -3.40 -5.32
CA GLU A 74 -7.71 -4.66 -6.01
C GLU A 74 -7.48 -4.57 -7.51
N VAL A 75 -8.01 -3.50 -8.11
CA VAL A 75 -7.76 -3.25 -9.53
C VAL A 75 -6.26 -3.07 -9.83
N CYS A 76 -5.55 -2.34 -8.97
CA CYS A 76 -4.12 -2.12 -9.17
C CYS A 76 -3.34 -3.43 -9.08
N PHE A 77 -3.71 -4.29 -8.15
CA PHE A 77 -3.06 -5.59 -8.04
C PHE A 77 -3.34 -6.45 -9.27
N MET A 78 -4.58 -6.47 -9.75
CA MET A 78 -4.92 -7.23 -10.93
C MET A 78 -4.08 -6.79 -12.12
N LYS A 79 -3.94 -5.47 -12.30
CA LYS A 79 -3.12 -4.91 -13.37
C LYS A 79 -1.63 -5.26 -13.23
N LYS A 80 -1.11 -5.14 -12.03
CA LYS A 80 0.30 -5.39 -11.82
C LYS A 80 0.63 -6.87 -12.08
N LEU A 81 -0.30 -7.77 -11.82
CA LEU A 81 0.04 -9.21 -11.89
C LEU A 81 -0.37 -9.81 -13.25
N SER A 82 -0.97 -9.02 -14.13
CA SER A 82 -1.43 -9.56 -15.40
C SER A 82 -0.23 -9.95 -16.27
N GLY A 83 -0.45 -10.82 -17.23
CA GLY A 83 0.63 -11.31 -18.06
C GLY A 83 1.12 -12.69 -17.63
N HIS A 84 0.75 -13.16 -16.46
CA HIS A 84 1.23 -14.44 -16.02
C HIS A 84 0.26 -15.57 -16.44
N PRO A 85 0.79 -16.73 -16.90
CA PRO A 85 -0.07 -17.79 -17.36
C PRO A 85 -1.03 -18.42 -16.32
N ASN A 86 -0.77 -18.24 -15.03
CA ASN A 86 -1.68 -18.76 -14.02
C ASN A 86 -2.41 -17.66 -13.21
N ILE A 87 -2.43 -16.44 -13.75
CA ILE A 87 -3.20 -15.33 -13.15
C ILE A 87 -4.16 -14.83 -14.21
N VAL A 88 -5.43 -14.62 -13.85
CA VAL A 88 -6.43 -14.08 -14.78
C VAL A 88 -5.89 -12.80 -15.46
N GLN A 89 -6.00 -12.75 -16.77
CA GLN A 89 -5.55 -11.61 -17.56
CA GLN A 89 -5.56 -11.61 -17.55
C GLN A 89 -6.46 -10.40 -17.37
N PHE A 90 -5.86 -9.28 -16.96
CA PHE A 90 -6.51 -7.99 -16.86
C PHE A 90 -6.73 -7.49 -18.26
N CYS A 91 -7.92 -6.97 -18.52
CA CYS A 91 -8.18 -6.29 -19.81
C CYS A 91 -8.39 -4.77 -19.68
N SER A 92 -9.29 -4.34 -18.81
CA SER A 92 -9.41 -2.92 -18.47
C SER A 92 -10.31 -2.72 -17.27
N ALA A 93 -10.43 -1.47 -16.84
CA ALA A 93 -11.31 -1.12 -15.74
C ALA A 93 -11.95 0.25 -15.95
N ALA A 94 -13.06 0.49 -15.25
CA ALA A 94 -13.75 1.75 -15.34
C ALA A 94 -14.62 2.00 -14.11
N SER A 95 -15.22 3.19 -14.06
CA SER A 95 -16.05 3.65 -12.95
C SER A 95 -17.33 4.32 -13.44
N ILE A 96 -18.39 4.21 -12.63
CA ILE A 96 -19.65 4.91 -12.82
C ILE A 96 -19.93 5.66 -11.50
N GLY A 97 -20.09 6.98 -11.58
CA GLY A 97 -20.37 7.78 -10.39
C GLY A 97 -21.74 7.50 -9.81
N LYS A 98 -21.93 7.84 -8.53
CA LYS A 98 -23.24 7.71 -7.83
C LYS A 98 -24.42 8.25 -8.65
N GLU A 99 -24.15 9.28 -9.46
CA GLU A 99 -25.17 10.01 -10.23
C GLU A 99 -25.72 9.16 -11.38
N GLU A 100 -24.86 8.35 -12.01
CA GLU A 100 -25.23 7.55 -13.19
C GLU A 100 -25.74 6.15 -12.88
N SER A 101 -25.40 5.61 -11.71
CA SER A 101 -25.60 4.19 -11.43
C SER A 101 -27.06 3.88 -11.09
N ASP A 102 -27.46 2.65 -11.42
CA ASP A 102 -28.79 2.14 -11.10
C ASP A 102 -28.94 1.90 -9.59
N THR A 103 -27.82 1.85 -8.85
CA THR A 103 -27.83 1.65 -7.39
C THR A 103 -27.82 2.95 -6.58
N GLY A 104 -27.24 4.01 -7.12
CA GLY A 104 -27.04 5.26 -6.37
C GLY A 104 -25.71 5.29 -5.62
N GLN A 105 -24.91 4.24 -5.82
CA GLN A 105 -23.60 4.13 -5.23
C GLN A 105 -22.57 4.28 -6.36
N ALA A 106 -21.30 4.52 -6.02
CA ALA A 106 -20.25 4.48 -7.03
C ALA A 106 -20.05 3.03 -7.49
N GLU A 107 -19.78 2.84 -8.77
CA GLU A 107 -19.59 1.48 -9.32
C GLU A 107 -18.27 1.36 -10.05
N PHE A 108 -17.55 0.28 -9.78
CA PHE A 108 -16.28 0.03 -10.42
C PHE A 108 -16.44 -1.20 -11.27
N LEU A 109 -15.86 -1.19 -12.46
CA LEU A 109 -16.03 -2.29 -13.41
C LEU A 109 -14.66 -2.79 -13.80
N LEU A 110 -14.45 -4.09 -13.63
CA LEU A 110 -13.18 -4.72 -13.90
C LEU A 110 -13.40 -5.76 -15.00
N LEU A 111 -12.67 -5.61 -16.10
CA LEU A 111 -12.80 -6.50 -17.24
C LEU A 111 -11.60 -7.46 -17.33
N THR A 112 -11.88 -8.76 -17.36
CA THR A 112 -10.82 -9.74 -17.50
C THR A 112 -11.14 -10.74 -18.59
N GLU A 113 -10.16 -11.57 -18.94
CA GLU A 113 -10.43 -12.75 -19.76
C GLU A 113 -11.45 -13.61 -19.00
N LEU A 114 -12.24 -14.34 -19.76
CA LEU A 114 -13.26 -15.23 -19.22
C LEU A 114 -12.70 -16.63 -19.17
N CYS A 115 -12.60 -17.19 -17.96
CA CYS A 115 -12.20 -18.57 -17.79
C CYS A 115 -13.41 -19.48 -18.04
N LYS A 116 -13.14 -20.77 -18.11
CA LYS A 116 -14.19 -21.77 -18.35
C LYS A 116 -15.10 -21.98 -17.13
N GLY A 117 -14.60 -21.73 -15.93
CA GLY A 117 -15.38 -21.92 -14.73
C GLY A 117 -14.52 -22.19 -13.49
N GLN A 118 -15.16 -22.63 -12.43
CA GLN A 118 -14.53 -22.77 -11.14
C GLN A 118 -13.88 -24.15 -10.99
N LEU A 119 -12.63 -24.20 -10.52
CA LEU A 119 -11.92 -25.48 -10.37
C LEU A 119 -12.75 -26.50 -9.63
N VAL A 120 -13.38 -26.11 -8.52
CA VAL A 120 -14.10 -27.09 -7.70
C VAL A 120 -15.27 -27.73 -8.42
N GLU A 121 -15.86 -27.02 -9.38
CA GLU A 121 -16.97 -27.60 -10.11
C GLU A 121 -16.46 -28.72 -10.98
N PHE A 122 -15.29 -28.54 -11.58
CA PHE A 122 -14.72 -29.59 -12.43
C PHE A 122 -14.22 -30.81 -11.63
N LEU A 123 -13.71 -30.56 -10.42
CA LEU A 123 -13.30 -31.64 -9.54
C LEU A 123 -14.49 -32.43 -9.04
N LYS A 124 -15.61 -31.73 -8.81
CA LYS A 124 -16.84 -32.36 -8.37
C LYS A 124 -17.36 -33.36 -9.42
N LYS A 125 -17.30 -32.97 -10.69
CA LYS A 125 -17.63 -33.87 -11.81
C LYS A 125 -16.81 -35.16 -11.81
N MET A 126 -15.54 -35.03 -11.43
CA MET A 126 -14.58 -36.11 -11.55
C MET A 126 -14.46 -36.97 -10.30
N GLU A 127 -15.05 -36.53 -9.18
CA GLU A 127 -14.86 -37.23 -7.91
C GLU A 127 -15.84 -38.39 -7.77
N SER A 128 -16.82 -38.44 -8.66
CA SER A 128 -17.58 -39.65 -8.89
C SER A 128 -16.67 -40.72 -9.53
N ARG A 129 -15.62 -40.27 -10.21
CA ARG A 129 -14.75 -41.12 -11.02
C ARG A 129 -13.46 -41.55 -10.29
N GLY A 130 -13.38 -41.30 -8.98
CA GLY A 130 -12.29 -41.81 -8.16
C GLY A 130 -11.29 -40.74 -7.75
N PRO A 131 -10.37 -41.09 -6.84
CA PRO A 131 -9.37 -40.11 -6.39
C PRO A 131 -8.58 -39.53 -7.57
N LEU A 132 -8.09 -38.32 -7.43
CA LEU A 132 -7.23 -37.73 -8.46
C LEU A 132 -5.90 -38.48 -8.51
N SER A 133 -5.41 -38.73 -9.72
CA SER A 133 -4.07 -39.26 -9.90
C SER A 133 -3.03 -38.25 -9.38
N CYS A 134 -1.85 -38.75 -9.01
CA CYS A 134 -0.78 -37.85 -8.59
C CYS A 134 -0.38 -36.82 -9.66
N ASP A 135 -0.39 -37.22 -10.93
CA ASP A 135 -0.05 -36.30 -11.99
C ASP A 135 -1.02 -35.10 -12.01
N THR A 136 -2.29 -35.38 -11.83
CA THR A 136 -3.30 -34.35 -11.83
C THR A 136 -3.18 -33.42 -10.65
N VAL A 137 -2.90 -34.00 -9.48
CA VAL A 137 -2.64 -33.17 -8.31
C VAL A 137 -1.44 -32.30 -8.57
N LEU A 138 -0.38 -32.92 -9.09
CA LEU A 138 0.84 -32.20 -9.38
C LEU A 138 0.59 -30.97 -10.28
N LYS A 139 -0.16 -31.13 -11.35
CA LYS A 139 -0.41 -30.03 -12.26
C LYS A 139 -1.23 -28.94 -11.59
N ILE A 140 -2.27 -29.33 -10.88
CA ILE A 140 -3.13 -28.37 -10.25
C ILE A 140 -2.30 -27.55 -9.30
N PHE A 141 -1.54 -28.23 -8.44
CA PHE A 141 -0.88 -27.55 -7.35
C PHE A 141 0.29 -26.72 -7.83
N TYR A 142 1.06 -27.21 -8.81
CA TYR A 142 2.20 -26.44 -9.35
C TYR A 142 1.75 -25.11 -10.00
N GLN A 143 0.70 -25.20 -10.82
CA GLN A 143 0.17 -24.05 -11.52
C GLN A 143 -0.36 -23.00 -10.51
N THR A 144 -1.01 -23.47 -9.45
CA THR A 144 -1.40 -22.61 -8.33
C THR A 144 -0.21 -21.96 -7.65
N CYS A 145 0.79 -22.76 -7.32
CA CYS A 145 2.01 -22.25 -6.67
C CYS A 145 2.79 -21.30 -7.56
N ARG A 146 2.75 -21.49 -8.86
CA ARG A 146 3.48 -20.58 -9.76
C ARG A 146 2.80 -19.17 -9.79
N ALA A 147 1.47 -19.15 -9.75
CA ALA A 147 0.72 -17.88 -9.60
C ALA A 147 1.16 -17.19 -8.31
N VAL A 148 1.26 -17.94 -7.22
CA VAL A 148 1.61 -17.33 -5.93
C VAL A 148 3.07 -16.91 -5.95
N GLN A 149 3.92 -17.67 -6.60
CA GLN A 149 5.31 -17.27 -6.75
C GLN A 149 5.47 -15.93 -7.49
N HIS A 150 4.67 -15.70 -8.52
CA HIS A 150 4.69 -14.46 -9.25
C HIS A 150 4.35 -13.27 -8.30
N MET A 151 3.40 -13.48 -7.39
CA MET A 151 3.08 -12.46 -6.39
C MET A 151 4.19 -12.20 -5.39
N HIS A 152 4.81 -13.26 -4.87
CA HIS A 152 5.84 -13.11 -3.81
C HIS A 152 7.15 -12.59 -4.38
N ARG A 153 7.31 -12.69 -5.69
CA ARG A 153 8.52 -12.16 -6.33
C ARG A 153 8.41 -10.68 -6.66
N GLN A 154 7.25 -10.07 -6.52
CA GLN A 154 7.14 -8.65 -6.78
C GLN A 154 8.01 -7.93 -5.76
N LYS A 155 8.35 -6.69 -6.05
CA LYS A 155 9.24 -5.89 -5.20
C LYS A 155 8.55 -4.59 -4.83
N PRO A 156 7.98 -4.51 -3.62
CA PRO A 156 7.97 -5.50 -2.56
C PRO A 156 7.02 -6.61 -2.88
N PRO A 157 7.08 -7.74 -2.12
CA PRO A 157 6.19 -8.84 -2.40
C PRO A 157 4.71 -8.50 -2.17
N ILE A 158 3.82 -9.12 -2.95
CA ILE A 158 2.37 -9.01 -2.75
C ILE A 158 1.86 -10.29 -2.12
N ILE A 159 1.18 -10.16 -0.99
CA ILE A 159 0.67 -11.28 -0.22
C ILE A 159 -0.80 -11.44 -0.55
N HIS A 160 -1.25 -12.67 -0.83
CA HIS A 160 -2.61 -12.88 -1.27
C HIS A 160 -3.60 -12.82 -0.08
N ARG A 161 -3.31 -13.62 0.94
CA ARG A 161 -4.05 -13.68 2.22
C ARG A 161 -5.41 -14.37 2.15
N ASP A 162 -5.80 -14.87 0.99
CA ASP A 162 -7.12 -15.53 0.85
C ASP A 162 -7.09 -16.75 -0.09
N LEU A 163 -5.98 -17.45 -0.09
CA LEU A 163 -5.82 -18.62 -0.93
C LEU A 163 -6.69 -19.77 -0.45
N LYS A 164 -7.57 -20.22 -1.33
CA LYS A 164 -8.42 -21.34 -1.10
C LYS A 164 -8.88 -21.92 -2.41
N VAL A 165 -9.28 -23.18 -2.34
CA VAL A 165 -9.46 -23.97 -3.52
C VAL A 165 -10.69 -23.48 -4.28
N GLU A 166 -11.60 -22.78 -3.60
CA GLU A 166 -12.80 -22.25 -4.23
C GLU A 166 -12.57 -21.07 -5.19
N ASN A 167 -11.52 -20.29 -4.99
CA ASN A 167 -11.20 -19.17 -5.89
CA ASN A 167 -11.20 -19.16 -5.89
C ASN A 167 -10.01 -19.45 -6.83
N LEU A 168 -9.95 -20.70 -7.27
CA LEU A 168 -9.09 -21.09 -8.39
C LEU A 168 -10.04 -21.30 -9.53
N LEU A 169 -9.66 -20.82 -10.70
CA LEU A 169 -10.44 -21.04 -11.91
C LEU A 169 -9.69 -21.95 -12.87
N LEU A 170 -10.44 -22.59 -13.77
CA LEU A 170 -9.90 -23.34 -14.87
C LEU A 170 -10.08 -22.56 -16.19
N SER A 171 -8.97 -22.28 -16.84
CA SER A 171 -8.97 -21.54 -18.10
C SER A 171 -9.52 -22.40 -19.23
N ASN A 172 -9.79 -21.77 -20.36
CA ASN A 172 -10.24 -22.51 -21.54
C ASN A 172 -9.18 -23.47 -22.07
N GLN A 173 -7.91 -23.18 -21.77
CA GLN A 173 -6.81 -24.04 -22.15
C GLN A 173 -6.67 -25.20 -21.17
N GLY A 174 -7.45 -25.22 -20.09
CA GLY A 174 -7.39 -26.28 -19.08
C GLY A 174 -6.28 -26.07 -18.04
N THR A 175 -5.91 -24.80 -17.82
CA THR A 175 -4.90 -24.45 -16.84
C THR A 175 -5.53 -23.72 -15.68
N ILE A 176 -4.78 -23.64 -14.58
CA ILE A 176 -5.27 -22.99 -13.39
C ILE A 176 -5.05 -21.48 -13.46
N LYS A 177 -6.07 -20.74 -13.03
CA LYS A 177 -6.02 -19.31 -13.02
C LYS A 177 -6.40 -18.83 -11.64
N LEU A 178 -5.48 -18.09 -11.02
CA LEU A 178 -5.70 -17.48 -9.73
C LEU A 178 -6.30 -16.06 -9.86
N CYS A 179 -7.32 -15.77 -9.06
CA CYS A 179 -7.95 -14.46 -9.02
C CYS A 179 -8.22 -14.09 -7.57
N ASP A 180 -9.08 -13.10 -7.33
CA ASP A 180 -9.55 -12.73 -6.01
C ASP A 180 -8.45 -12.00 -5.25
N PHE A 181 -8.08 -10.80 -5.72
CA PHE A 181 -7.09 -10.02 -5.06
C PHE A 181 -7.64 -9.02 -4.05
N GLY A 182 -8.88 -9.18 -3.63
CA GLY A 182 -9.53 -8.27 -2.67
C GLY A 182 -8.98 -8.29 -1.24
N SER A 183 -8.25 -9.33 -0.85
CA SER A 183 -7.64 -9.35 0.48
C SER A 183 -6.13 -9.11 0.41
N ALA A 184 -5.59 -8.93 -0.78
CA ALA A 184 -4.14 -8.91 -0.93
C ALA A 184 -3.55 -7.64 -0.35
N THR A 185 -2.28 -7.68 0.04
CA THR A 185 -1.62 -6.50 0.59
C THR A 185 -0.13 -6.47 0.24
N THR A 186 0.50 -5.33 0.46
CA THR A 186 1.93 -5.15 0.20
C THR A 186 2.39 -3.91 0.97
N ILE A 187 3.59 -3.45 0.69
CA ILE A 187 4.08 -2.23 1.28
C ILE A 187 4.11 -1.17 0.19
N SER A 188 3.59 0.01 0.49
CA SER A 188 3.68 1.15 -0.39
C SER A 188 4.90 2.00 -0.13
N HIS A 189 5.30 2.71 -1.18
CA HIS A 189 6.38 3.67 -1.15
C HIS A 189 7.65 2.97 -0.73
N TYR A 190 7.87 1.80 -1.35
CA TYR A 190 9.07 1.02 -1.15
C TYR A 190 10.20 1.60 -2.01
N PRO A 191 11.30 2.08 -1.37
CA PRO A 191 12.42 2.70 -2.09
C PRO A 191 13.01 1.81 -3.19
N TYR A 224 17.05 -2.42 1.52
CA TYR A 224 17.58 -2.51 2.87
C TYR A 224 17.08 -3.74 3.62
N SER A 225 16.04 -4.39 3.09
CA SER A 225 15.41 -5.51 3.78
C SER A 225 15.14 -6.71 2.88
N ASN A 226 15.12 -7.88 3.51
CA ASN A 226 14.14 -8.88 3.17
C ASN A 226 13.74 -9.61 4.47
N PHE A 227 12.89 -8.93 5.24
CA PHE A 227 12.15 -9.52 6.33
C PHE A 227 10.93 -10.21 5.72
N PRO A 228 10.43 -11.30 6.37
CA PRO A 228 9.12 -11.81 5.98
C PRO A 228 8.07 -10.78 6.32
N ILE A 229 7.06 -10.65 5.48
CA ILE A 229 6.00 -9.68 5.68
C ILE A 229 4.65 -10.35 5.46
N GLY A 230 4.61 -11.70 5.51
CA GLY A 230 3.31 -12.40 5.31
C GLY A 230 3.31 -13.56 4.34
N GLU A 231 4.36 -13.64 3.53
CA GLU A 231 4.50 -14.73 2.58
C GLU A 231 4.17 -16.06 3.22
N LYS A 232 4.63 -16.27 4.44
CA LYS A 232 4.49 -17.58 5.05
C LYS A 232 3.01 -17.94 5.40
N GLN A 233 2.11 -16.95 5.57
CA GLN A 233 0.68 -17.30 5.74
CA GLN A 233 0.68 -17.24 5.72
C GLN A 233 0.11 -17.86 4.45
N ASP A 234 0.54 -17.34 3.30
CA ASP A 234 0.08 -17.85 2.03
C ASP A 234 0.53 -19.34 1.87
N ILE A 235 1.74 -19.65 2.37
CA ILE A 235 2.26 -21.02 2.25
C ILE A 235 1.45 -21.99 3.10
N TRP A 236 1.17 -21.62 4.33
CA TRP A 236 0.27 -22.42 5.18
C TRP A 236 -1.05 -22.73 4.42
N ALA A 237 -1.65 -21.71 3.83
CA ALA A 237 -2.86 -21.89 3.02
C ALA A 237 -2.66 -22.82 1.84
N LEU A 238 -1.51 -22.75 1.19
CA LEU A 238 -1.25 -23.64 0.03
C LEU A 238 -1.09 -25.07 0.49
N GLY A 239 -0.56 -25.25 1.70
CA GLY A 239 -0.39 -26.61 2.23
C GLY A 239 -1.73 -27.24 2.46
N CYS A 240 -2.71 -26.44 2.91
CA CYS A 240 -4.09 -26.90 3.09
C CYS A 240 -4.66 -27.32 1.75
N ILE A 241 -4.38 -26.58 0.68
CA ILE A 241 -4.86 -26.96 -0.66
C ILE A 241 -4.25 -28.30 -1.12
N LEU A 242 -2.93 -28.46 -0.99
CA LEU A 242 -2.32 -29.73 -1.42
C LEU A 242 -2.95 -30.86 -0.61
N TYR A 243 -3.11 -30.66 0.69
CA TYR A 243 -3.75 -31.71 1.51
C TYR A 243 -5.15 -32.05 0.99
N LEU A 244 -5.96 -31.02 0.81
CA LEU A 244 -7.31 -31.17 0.27
C LEU A 244 -7.38 -31.89 -1.05
N LEU A 245 -6.50 -31.55 -1.97
CA LEU A 245 -6.51 -32.21 -3.29
C LEU A 245 -6.20 -33.72 -3.17
N CYS A 246 -5.21 -34.08 -2.35
CA CYS A 246 -4.90 -35.50 -2.17
C CYS A 246 -6.01 -36.25 -1.47
N PHE A 247 -6.45 -35.75 -0.31
CA PHE A 247 -7.30 -36.53 0.61
C PHE A 247 -8.75 -36.02 0.74
N ARG A 248 -9.10 -35.04 -0.09
CA ARG A 248 -10.47 -34.56 -0.29
C ARG A 248 -11.14 -34.15 1.02
N GLN A 249 -10.33 -33.66 1.95
CA GLN A 249 -10.79 -33.17 3.24
C GLN A 249 -9.86 -32.05 3.63
N HIS A 250 -10.32 -31.08 4.41
CA HIS A 250 -9.44 -30.02 4.90
C HIS A 250 -8.65 -30.59 6.08
N PRO A 251 -7.39 -30.14 6.26
CA PRO A 251 -6.57 -30.73 7.34
C PRO A 251 -6.96 -30.30 8.78
N PHE A 252 -7.83 -29.32 8.92
CA PHE A 252 -8.13 -28.71 10.21
C PHE A 252 -9.63 -28.44 10.42
N SER A 266 -3.43 -34.33 10.01
CA SER A 266 -2.92 -35.68 9.90
C SER A 266 -3.06 -36.30 8.50
N ILE A 267 -1.92 -36.71 7.93
CA ILE A 267 -1.86 -37.51 6.71
C ILE A 267 -2.17 -38.98 7.04
N PRO A 268 -3.07 -39.63 6.26
CA PRO A 268 -3.45 -41.00 6.57
C PRO A 268 -2.22 -41.92 6.64
N PRO A 269 -2.18 -42.82 7.63
CA PRO A 269 -0.96 -43.54 8.03
C PRO A 269 -0.36 -44.51 6.99
N HIS A 270 -1.18 -45.06 6.09
CA HIS A 270 -0.70 -46.09 5.16
C HIS A 270 -0.87 -45.71 3.69
N ASP A 271 -1.12 -44.44 3.43
CA ASP A 271 -1.26 -43.96 2.05
C ASP A 271 -0.04 -44.32 1.22
N THR A 272 -0.24 -45.17 0.21
CA THR A 272 0.81 -45.44 -0.78
C THR A 272 0.63 -44.62 -2.10
N GLN A 273 -0.47 -43.87 -2.23
CA GLN A 273 -0.65 -43.13 -3.49
C GLN A 273 0.03 -41.76 -3.51
N TYR A 274 -0.20 -40.97 -2.47
CA TYR A 274 0.28 -39.60 -2.45
C TYR A 274 1.51 -39.44 -1.59
N THR A 275 2.14 -40.55 -1.19
CA THR A 275 3.34 -40.51 -0.35
C THR A 275 4.37 -39.52 -0.87
N VAL A 276 4.52 -39.45 -2.18
CA VAL A 276 5.45 -38.46 -2.78
C VAL A 276 5.22 -37.02 -2.32
N PHE A 277 3.97 -36.66 -2.00
CA PHE A 277 3.67 -35.32 -1.49
C PHE A 277 3.75 -35.14 0.04
N HIS A 278 3.94 -36.22 0.81
CA HIS A 278 3.81 -36.08 2.26
C HIS A 278 4.82 -35.18 2.88
N SER A 279 6.09 -35.24 2.48
CA SER A 279 7.07 -34.37 3.15
C SER A 279 6.77 -32.88 2.88
N LEU A 280 6.26 -32.60 1.69
CA LEU A 280 6.06 -31.19 1.26
C LEU A 280 4.80 -30.63 2.00
N ILE A 281 3.77 -31.44 2.12
CA ILE A 281 2.60 -31.07 2.93
C ILE A 281 3.01 -30.69 4.36
N ARG A 282 3.81 -31.54 5.00
CA ARG A 282 4.22 -31.26 6.36
C ARG A 282 5.08 -30.03 6.46
N ALA A 283 5.95 -29.85 5.50
CA ALA A 283 6.82 -28.70 5.52
C ALA A 283 6.08 -27.38 5.26
N MET A 284 4.98 -27.41 4.51
CA MET A 284 4.13 -26.20 4.31
C MET A 284 3.18 -25.92 5.49
N LEU A 285 2.84 -26.97 6.25
CA LEU A 285 1.95 -26.85 7.41
C LEU A 285 2.74 -26.80 8.72
N GLN A 286 4.03 -26.56 8.64
CA GLN A 286 4.85 -26.23 9.78
C GLN A 286 4.32 -25.05 10.65
N VAL A 287 4.16 -25.24 11.95
CA VAL A 287 3.61 -24.23 12.82
C VAL A 287 4.53 -23.00 12.92
N ASN A 288 5.83 -23.25 12.97
CA ASN A 288 6.80 -22.16 13.05
C ASN A 288 7.00 -21.60 11.64
N PRO A 289 6.66 -20.30 11.43
CA PRO A 289 6.74 -19.69 10.10
C PRO A 289 8.17 -19.67 9.53
N GLU A 290 9.18 -19.53 10.38
CA GLU A 290 10.60 -19.64 9.95
C GLU A 290 10.98 -21.00 9.39
N GLU A 291 10.38 -22.06 9.95
CA GLU A 291 10.66 -23.42 9.56
C GLU A 291 9.90 -23.69 8.27
N ARG A 292 8.72 -23.09 8.17
CA ARG A 292 7.82 -23.32 7.05
C ARG A 292 8.52 -22.93 5.75
N LEU A 293 8.25 -23.66 4.68
CA LEU A 293 8.90 -23.39 3.41
C LEU A 293 8.48 -22.05 2.80
N SER A 294 9.38 -21.46 2.00
CA SER A 294 9.04 -20.36 1.12
C SER A 294 8.42 -20.89 -0.16
N ILE A 295 7.82 -20.01 -0.96
CA ILE A 295 7.26 -20.45 -2.24
C ILE A 295 8.32 -20.98 -3.16
N ALA A 296 9.56 -20.47 -3.09
CA ALA A 296 10.62 -20.99 -3.96
C ALA A 296 11.04 -22.39 -3.51
N GLU A 297 11.12 -22.61 -2.22
CA GLU A 297 11.30 -23.99 -1.68
C GLU A 297 10.24 -24.97 -2.13
N VAL A 298 9.00 -24.53 -2.23
CA VAL A 298 7.91 -25.42 -2.66
C VAL A 298 8.02 -25.68 -4.15
N VAL A 299 8.11 -24.61 -4.94
CA VAL A 299 8.13 -24.75 -6.41
C VAL A 299 9.31 -25.63 -6.87
N HIS A 300 10.46 -25.46 -6.26
CA HIS A 300 11.67 -26.18 -6.67
C HIS A 300 11.33 -27.68 -6.48
N GLN A 301 10.73 -28.03 -5.35
CA GLN A 301 10.48 -29.45 -5.09
C GLN A 301 9.46 -29.98 -6.10
N LEU A 302 8.47 -29.15 -6.44
CA LEU A 302 7.41 -29.60 -7.36
C LEU A 302 8.00 -29.84 -8.73
N GLN A 303 8.95 -29.01 -9.12
CA GLN A 303 9.66 -29.19 -10.40
C GLN A 303 10.43 -30.49 -10.44
N GLU A 304 11.10 -30.86 -9.36
CA GLU A 304 11.86 -32.13 -9.37
C GLU A 304 10.92 -33.33 -9.34
N ILE A 305 9.82 -33.21 -8.64
CA ILE A 305 8.84 -34.29 -8.65
C ILE A 305 8.33 -34.48 -10.08
N ALA A 306 7.99 -33.39 -10.76
CA ALA A 306 7.46 -33.50 -12.11
C ALA A 306 8.46 -34.12 -13.06
N ALA A 307 9.71 -33.74 -12.97
CA ALA A 307 10.74 -34.30 -13.84
C ALA A 307 10.86 -35.81 -13.62
N ALA A 308 10.83 -36.24 -12.35
CA ALA A 308 10.95 -37.67 -12.02
C ALA A 308 9.81 -38.48 -12.62
N ARG A 309 8.63 -37.88 -12.65
CA ARG A 309 7.46 -38.55 -13.19
C ARG A 309 7.22 -38.28 -14.68
N ASN A 310 8.14 -37.55 -15.33
CA ASN A 310 8.00 -37.24 -16.76
C ASN A 310 6.69 -36.50 -17.08
N VAL A 311 6.37 -35.52 -16.25
CA VAL A 311 5.20 -34.68 -16.44
C VAL A 311 5.68 -33.26 -16.68
N ASN A 312 5.09 -32.58 -17.66
CA ASN A 312 5.24 -31.11 -17.81
C ASN A 312 4.13 -30.46 -16.97
N PRO A 313 4.48 -29.90 -15.81
CA PRO A 313 3.46 -29.51 -14.85
C PRO A 313 2.74 -28.21 -15.20
N LYS A 314 3.21 -27.51 -16.24
CA LYS A 314 2.55 -26.31 -16.77
C LYS A 314 1.52 -26.64 -17.82
N SER A 315 1.48 -27.90 -18.26
CA SER A 315 0.64 -28.31 -19.39
C SER A 315 -0.84 -28.38 -19.02
N PRO A 316 -1.73 -28.37 -20.02
CA PRO A 316 -3.16 -28.48 -19.75
C PRO A 316 -3.50 -29.72 -18.94
N ILE A 317 -4.46 -29.57 -18.06
CA ILE A 317 -4.89 -30.66 -17.24
C ILE A 317 -6.03 -31.29 -18.01
N THR A 318 -5.67 -32.05 -19.04
CA THR A 318 -6.61 -32.54 -20.04
C THR A 318 -7.70 -33.42 -19.44
N GLU A 319 -7.33 -34.21 -18.44
CA GLU A 319 -8.29 -35.03 -17.72
C GLU A 319 -9.51 -34.21 -17.24
N LEU A 320 -9.28 -33.01 -16.71
CA LEU A 320 -10.38 -32.09 -16.27
C LEU A 320 -11.23 -31.56 -17.40
N LEU A 321 -10.70 -31.54 -18.63
CA LEU A 321 -11.49 -31.20 -19.81
C LEU A 321 -12.30 -32.42 -20.28
N GLU A 322 -13.62 -32.37 -20.09
CA GLU A 322 -14.48 -33.49 -20.47
C GLU A 322 -15.76 -33.01 -21.14
N GLN B 1 26.06 -16.14 17.16
CA GLN B 1 26.07 -17.00 15.94
C GLN B 1 26.25 -18.46 16.28
N VAL B 2 25.99 -19.29 15.29
CA VAL B 2 26.31 -20.70 15.36
C VAL B 2 27.76 -20.88 14.94
N GLN B 3 28.45 -21.84 15.54
CA GLN B 3 29.80 -22.19 15.12
C GLN B 3 29.76 -23.44 14.24
N LEU B 4 30.46 -23.39 13.12
CA LEU B 4 30.45 -24.46 12.13
C LEU B 4 31.83 -25.14 12.13
N GLN B 5 31.87 -26.46 12.24
CA GLN B 5 33.15 -27.23 12.15
C GLN B 5 33.12 -28.12 10.91
N GLU B 6 34.05 -27.90 9.98
CA GLU B 6 34.08 -28.61 8.69
C GLU B 6 35.19 -29.67 8.61
N SER B 7 34.93 -30.79 7.94
CA SER B 7 36.01 -31.69 7.55
C SER B 7 35.69 -32.49 6.29
N GLY B 8 36.68 -33.25 5.83
CA GLY B 8 36.63 -34.06 4.62
C GLY B 8 37.27 -33.30 3.47
N GLY B 9 36.94 -33.68 2.25
CA GLY B 9 37.45 -33.01 1.05
C GLY B 9 38.84 -33.46 0.67
N GLY B 10 39.65 -32.54 0.14
CA GLY B 10 41.00 -32.84 -0.34
C GLY B 10 41.05 -33.09 -1.85
N SER B 11 42.07 -33.84 -2.26
CA SER B 11 42.34 -34.16 -3.64
C SER B 11 41.85 -35.57 -4.02
N VAL B 12 41.38 -35.69 -5.27
CA VAL B 12 40.80 -36.91 -5.75
C VAL B 12 40.93 -37.05 -7.28
N GLN B 13 40.85 -38.27 -7.79
CA GLN B 13 40.87 -38.51 -9.23
C GLN B 13 39.49 -38.23 -9.89
N ALA B 14 39.52 -37.83 -11.15
CA ALA B 14 38.32 -37.62 -11.94
C ALA B 14 37.54 -38.90 -11.97
N GLY B 15 36.25 -38.77 -11.69
CA GLY B 15 35.38 -39.90 -11.57
C GLY B 15 35.27 -40.42 -10.14
N GLY B 16 36.11 -39.89 -9.22
CA GLY B 16 36.18 -40.35 -7.85
C GLY B 16 35.14 -39.68 -6.96
N SER B 17 35.26 -39.94 -5.64
CA SER B 17 34.36 -39.36 -4.66
C SER B 17 35.09 -38.91 -3.44
N LEU B 18 34.48 -37.91 -2.78
CA LEU B 18 34.90 -37.40 -1.52
C LEU B 18 33.65 -37.13 -0.70
N ARG B 19 33.82 -36.92 0.61
CA ARG B 19 32.71 -36.58 1.46
C ARG B 19 33.14 -35.44 2.36
N LEU B 20 32.26 -34.45 2.50
CA LEU B 20 32.46 -33.35 3.43
C LEU B 20 31.51 -33.57 4.58
N SER B 21 31.89 -33.11 5.77
CA SER B 21 30.87 -32.99 6.86
C SER B 21 30.93 -31.61 7.53
N CYS B 22 29.83 -31.20 8.12
CA CYS B 22 29.77 -29.98 8.85
C CYS B 22 28.87 -30.12 10.04
N GLY B 23 29.44 -29.78 11.20
CA GLY B 23 28.75 -29.85 12.49
C GLY B 23 28.50 -28.43 12.99
N ALA B 24 27.26 -28.19 13.47
CA ALA B 24 26.88 -26.88 14.00
C ALA B 24 26.76 -26.97 15.50
N SER B 25 27.10 -25.88 16.18
CA SER B 25 27.03 -25.80 17.61
C SER B 25 25.61 -25.72 18.18
N GLU B 26 24.60 -25.48 17.35
CA GLU B 26 23.19 -25.50 17.78
C GLU B 26 22.35 -26.02 16.64
N TYR B 27 21.07 -26.19 16.91
CA TYR B 27 20.13 -26.49 15.85
C TYR B 27 20.00 -25.28 14.88
N THR B 28 20.03 -25.50 13.57
CA THR B 28 19.40 -24.51 12.67
C THR B 28 18.58 -25.25 11.65
N SER B 29 17.62 -24.55 11.05
CA SER B 29 16.59 -25.17 10.22
C SER B 29 17.14 -25.70 8.90
N ARG B 30 18.17 -25.04 8.36
CA ARG B 30 18.66 -25.35 7.04
C ARG B 30 20.19 -25.19 6.99
N MET B 31 20.87 -26.13 6.36
CA MET B 31 22.31 -26.13 6.28
C MET B 31 22.71 -26.59 4.87
N GLY B 32 23.75 -25.97 4.31
CA GLY B 32 24.22 -26.45 3.05
C GLY B 32 25.63 -26.06 2.73
N TRP B 33 26.03 -26.28 1.49
CA TRP B 33 27.35 -25.86 1.02
C TRP B 33 27.22 -24.98 -0.18
N PHE B 34 28.06 -23.99 -0.21
CA PHE B 34 28.29 -23.28 -1.46
C PHE B 34 29.77 -23.45 -1.82
N ARG B 35 30.13 -23.09 -3.05
CA ARG B 35 31.54 -23.14 -3.47
C ARG B 35 31.96 -21.97 -4.31
N GLN B 36 33.28 -21.81 -4.41
CA GLN B 36 33.82 -20.81 -5.25
C GLN B 36 34.99 -21.35 -6.01
N ALA B 37 34.78 -21.51 -7.32
CA ALA B 37 35.81 -21.96 -8.22
C ALA B 37 36.72 -20.79 -8.61
N PRO B 38 37.93 -21.10 -9.07
CA PRO B 38 38.82 -20.02 -9.52
C PRO B 38 38.18 -18.99 -10.51
N GLY B 39 38.23 -17.72 -10.13
CA GLY B 39 37.62 -16.63 -10.89
C GLY B 39 36.07 -16.61 -11.03
N ALA B 40 35.37 -17.50 -10.35
CA ALA B 40 33.95 -17.67 -10.59
C ALA B 40 33.16 -17.03 -9.49
N GLU B 41 31.85 -16.90 -9.71
CA GLU B 41 30.95 -16.52 -8.65
C GLU B 41 30.75 -17.62 -7.60
N ARG B 42 30.47 -17.20 -6.38
CA ARG B 42 29.81 -18.06 -5.38
C ARG B 42 28.65 -18.82 -5.98
N GLU B 43 28.61 -20.13 -5.76
CA GLU B 43 27.61 -20.97 -6.35
C GLU B 43 27.09 -21.91 -5.25
N GLY B 44 25.79 -21.80 -4.96
CA GLY B 44 25.11 -22.71 -4.07
C GLY B 44 25.08 -24.09 -4.70
N VAL B 45 25.44 -25.07 -3.93
CA VAL B 45 25.61 -26.42 -4.44
C VAL B 45 24.55 -27.39 -3.88
N ALA B 46 24.36 -27.36 -2.56
CA ALA B 46 23.37 -28.26 -1.95
C ALA B 46 22.92 -27.68 -0.66
N CYS B 47 21.69 -28.00 -0.29
CA CYS B 47 21.13 -27.51 0.96
C CYS B 47 20.08 -28.53 1.45
N ILE B 48 19.98 -28.67 2.75
CA ILE B 48 18.94 -29.54 3.33
C ILE B 48 18.02 -28.81 4.36
N HIS B 49 16.71 -28.98 4.24
CA HIS B 49 15.74 -28.55 5.22
C HIS B 49 15.56 -29.62 6.35
N ARG B 50 16.00 -29.32 7.56
CA ARG B 50 16.12 -30.35 8.57
C ARG B 50 14.81 -31.07 8.95
N GLN B 51 13.71 -30.34 9.20
CA GLN B 51 12.48 -30.98 9.73
C GLN B 51 11.83 -31.91 8.70
N SER B 52 11.99 -31.64 7.41
CA SER B 52 11.36 -32.43 6.35
C SER B 52 12.29 -33.37 5.62
N ASN B 53 13.59 -33.20 5.77
CA ASN B 53 14.59 -33.78 4.87
C ASN B 53 14.58 -33.46 3.40
N LEU B 54 13.87 -32.40 3.00
CA LEU B 54 13.83 -32.02 1.62
C LEU B 54 15.22 -31.48 1.28
N SER B 55 15.72 -31.84 0.10
CA SER B 55 17.06 -31.51 -0.25
C SER B 55 17.09 -30.74 -1.59
N TYR B 56 17.99 -29.78 -1.67
CA TYR B 56 18.05 -28.88 -2.81
C TYR B 56 19.43 -28.88 -3.41
N TYR B 57 19.50 -29.00 -4.73
CA TYR B 57 20.77 -29.06 -5.45
C TYR B 57 20.81 -28.07 -6.62
N SER B 58 21.99 -27.57 -7.00
CA SER B 58 22.11 -26.86 -8.28
C SER B 58 22.10 -27.87 -9.38
N ASP B 59 21.69 -27.44 -10.54
CA ASP B 59 21.72 -28.28 -11.74
C ASP B 59 23.10 -28.84 -12.03
N SER B 60 24.16 -28.13 -11.68
CA SER B 60 25.53 -28.55 -11.98
C SER B 60 25.96 -29.83 -11.20
N VAL B 61 25.34 -30.12 -10.07
CA VAL B 61 25.70 -31.30 -9.29
C VAL B 61 24.55 -32.29 -9.15
N ARG B 62 23.42 -32.04 -9.79
CA ARG B 62 22.22 -32.90 -9.64
C ARG B 62 22.56 -34.32 -10.09
N GLY B 63 22.20 -35.32 -9.31
CA GLY B 63 22.53 -36.71 -9.63
C GLY B 63 23.95 -37.15 -9.32
N ARG B 64 24.77 -36.27 -8.80
CA ARG B 64 26.11 -36.62 -8.45
C ARG B 64 26.41 -36.35 -7.00
N PHE B 65 25.78 -35.32 -6.41
CA PHE B 65 26.00 -35.01 -5.03
C PHE B 65 24.79 -35.41 -4.21
N THR B 66 25.00 -35.85 -2.98
CA THR B 66 23.90 -36.19 -2.06
C THR B 66 24.19 -35.53 -0.71
N ILE B 67 23.28 -34.68 -0.24
CA ILE B 67 23.39 -34.11 1.08
C ILE B 67 22.45 -34.90 2.03
N SER B 68 22.92 -35.13 3.24
CA SER B 68 22.12 -35.80 4.25
C SER B 68 22.38 -35.16 5.63
N GLN B 69 21.75 -35.69 6.69
CA GLN B 69 22.00 -35.22 8.02
C GLN B 69 21.92 -36.37 9.02
N ASP B 70 22.36 -36.14 10.27
CA ASP B 70 22.22 -37.15 11.33
C ASP B 70 20.81 -37.05 12.00
N ASN B 71 20.45 -38.05 12.78
CA ASN B 71 19.20 -38.05 13.58
C ASN B 71 19.17 -36.89 14.59
N ALA B 72 20.31 -36.48 15.15
CA ALA B 72 20.36 -35.35 16.10
C ALA B 72 20.25 -33.97 15.44
N LYS B 73 20.20 -33.92 14.12
CA LYS B 73 20.07 -32.67 13.41
C LYS B 73 21.10 -31.62 13.80
N THR B 74 22.31 -32.10 14.11
CA THR B 74 23.45 -31.26 14.46
C THR B 74 24.43 -31.16 13.29
N THR B 75 24.33 -32.10 12.34
CA THR B 75 25.39 -32.32 11.35
C THR B 75 24.73 -32.50 10.00
N ALA B 76 25.43 -32.07 8.95
CA ALA B 76 25.08 -32.46 7.59
C ALA B 76 26.32 -33.06 6.90
N PHE B 77 26.07 -33.91 5.91
CA PHE B 77 27.07 -34.57 5.15
C PHE B 77 26.82 -34.34 3.68
N LEU B 78 27.90 -34.18 2.90
CA LEU B 78 27.81 -34.12 1.46
C LEU B 78 28.70 -35.18 0.78
N LEU B 79 28.06 -36.14 0.11
CA LEU B 79 28.79 -37.10 -0.69
C LEU B 79 28.86 -36.57 -2.10
N MET B 80 30.07 -36.43 -2.59
CA MET B 80 30.37 -35.89 -3.90
C MET B 80 30.94 -37.01 -4.73
N SER B 81 30.16 -37.48 -5.70
CA SER B 81 30.54 -38.58 -6.59
C SER B 81 30.70 -38.13 -8.03
N SER B 82 31.27 -39.01 -8.85
CA SER B 82 31.49 -38.71 -10.24
C SER B 82 32.12 -37.31 -10.39
N LEU B 83 33.11 -37.05 -9.58
CA LEU B 83 33.69 -35.73 -9.56
C LEU B 83 34.41 -35.42 -10.85
N LYS B 84 34.43 -34.15 -11.17
CA LYS B 84 35.17 -33.70 -12.33
C LYS B 84 35.86 -32.35 -12.15
N PRO B 85 36.83 -32.00 -13.05
CA PRO B 85 37.58 -30.75 -12.98
C PRO B 85 36.76 -29.46 -12.66
N GLU B 86 35.61 -29.33 -13.28
CA GLU B 86 34.66 -28.28 -12.95
C GLU B 86 34.31 -28.19 -11.42
N ASP B 87 34.49 -29.28 -10.66
CA ASP B 87 34.14 -29.27 -9.24
C ASP B 87 35.29 -28.81 -8.36
N THR B 88 36.47 -28.56 -8.92
CA THR B 88 37.58 -28.00 -8.16
C THR B 88 37.23 -26.62 -7.61
N ALA B 89 37.34 -26.42 -6.30
CA ALA B 89 36.88 -25.21 -5.65
C ALA B 89 37.13 -25.26 -4.16
N ILE B 90 37.00 -24.12 -3.51
CA ILE B 90 36.80 -24.12 -2.04
C ILE B 90 35.29 -24.26 -1.74
N TYR B 91 34.96 -25.23 -0.89
CA TYR B 91 33.58 -25.57 -0.45
C TYR B 91 33.37 -25.08 0.97
N TYR B 92 32.32 -24.28 1.14
CA TYR B 92 32.05 -23.59 2.40
C TYR B 92 30.71 -24.10 2.97
N CYS B 93 30.73 -24.58 4.20
CA CYS B 93 29.49 -24.95 4.93
C CYS B 93 28.75 -23.65 5.29
N ALA B 94 27.42 -23.68 5.25
CA ALA B 94 26.62 -22.51 5.64
C ALA B 94 25.22 -22.89 6.19
N THR B 95 24.69 -21.98 6.98
CA THR B 95 23.33 -22.03 7.38
C THR B 95 22.59 -20.95 6.54
N THR B 96 21.29 -21.14 6.35
CA THR B 96 20.47 -20.22 5.52
C THR B 96 19.01 -20.20 5.99
N THR B 97 18.27 -19.16 5.56
CA THR B 97 16.83 -19.07 5.84
C THR B 97 16.01 -19.73 4.74
N ASP B 98 16.63 -20.06 3.59
CA ASP B 98 15.87 -20.49 2.38
C ASP B 98 16.77 -21.30 1.45
N CYS B 99 16.51 -22.61 1.36
CA CYS B 99 17.39 -23.52 0.61
C CYS B 99 17.35 -23.23 -0.90
N ALA B 100 16.22 -22.71 -1.37
CA ALA B 100 16.05 -22.54 -2.79
C ALA B 100 16.84 -21.32 -3.25
N ALA B 101 16.73 -20.21 -2.51
CA ALA B 101 17.53 -19.01 -2.76
C ALA B 101 19.00 -19.27 -2.49
N PHE B 102 19.29 -20.13 -1.49
CA PHE B 102 20.65 -20.59 -1.24
C PHE B 102 21.28 -21.26 -2.46
N VAL B 103 20.57 -22.17 -3.08
CA VAL B 103 21.09 -22.79 -4.29
C VAL B 103 21.18 -21.74 -5.39
N GLU B 104 20.18 -20.90 -5.55
CA GLU B 104 20.22 -19.86 -6.61
C GLU B 104 21.24 -18.77 -6.40
N ARG B 105 21.50 -18.36 -5.17
CA ARG B 105 22.25 -17.12 -4.92
C ARG B 105 23.31 -17.24 -3.88
N ALA B 106 23.43 -18.39 -3.23
CA ALA B 106 24.40 -18.58 -2.15
C ALA B 106 24.12 -17.62 -1.00
N THR B 107 22.85 -17.25 -0.82
CA THR B 107 22.41 -16.43 0.30
C THR B 107 22.39 -17.20 1.64
N ALA B 108 23.25 -16.79 2.57
CA ALA B 108 23.50 -17.50 3.84
C ALA B 108 23.44 -16.57 5.05
N ILE B 109 23.15 -17.13 6.21
CA ILE B 109 23.22 -16.42 7.47
C ILE B 109 24.67 -16.40 7.94
N THR B 110 25.33 -17.57 7.95
CA THR B 110 26.69 -17.74 8.44
C THR B 110 27.42 -18.77 7.58
N ALA B 111 28.71 -18.57 7.36
CA ALA B 111 29.48 -19.47 6.53
C ALA B 111 30.70 -20.00 7.27
N GLY B 112 31.09 -21.25 7.00
CA GLY B 112 32.33 -21.81 7.57
C GLY B 112 33.59 -21.24 6.93
N GLN B 113 34.75 -21.71 7.40
CA GLN B 113 36.07 -21.29 6.89
C GLN B 113 36.39 -21.78 5.47
N GLY B 114 35.91 -22.97 5.15
CA GLY B 114 36.08 -23.56 3.84
C GLY B 114 37.02 -24.76 3.80
N THR B 115 36.72 -25.70 2.91
CA THR B 115 37.57 -26.87 2.65
C THR B 115 37.93 -26.91 1.15
N GLN B 116 39.23 -26.93 0.83
CA GLN B 116 39.68 -27.12 -0.55
C GLN B 116 39.25 -28.49 -1.06
N VAL B 117 38.60 -28.53 -2.22
CA VAL B 117 38.42 -29.77 -3.00
C VAL B 117 39.17 -29.61 -4.34
N THR B 118 40.07 -30.53 -4.68
CA THR B 118 40.77 -30.51 -5.96
C THR B 118 40.63 -31.82 -6.71
N VAL B 119 40.08 -31.74 -7.91
CA VAL B 119 39.79 -32.91 -8.68
C VAL B 119 40.88 -33.06 -9.73
N SER B 120 41.65 -34.13 -9.58
CA SER B 120 42.64 -34.64 -10.54
C SER B 120 43.83 -33.72 -10.68
N ASP C 16 14.71 -2.20 30.25
CA ASP C 16 16.08 -1.71 30.62
C ASP C 16 16.90 -1.32 29.39
N PHE C 17 16.28 -0.60 28.45
CA PHE C 17 16.97 -0.17 27.22
C PHE C 17 17.75 1.11 27.44
N VAL C 18 17.30 1.90 28.41
CA VAL C 18 18.00 3.13 28.75
C VAL C 18 19.40 2.84 29.29
N GLY C 19 20.38 3.59 28.78
CA GLY C 19 21.78 3.45 29.17
C GLY C 19 22.68 2.85 28.09
N GLN C 20 22.08 2.07 27.20
CA GLN C 20 22.84 1.31 26.21
C GLN C 20 23.43 2.20 25.13
N THR C 21 24.32 1.62 24.33
CA THR C 21 24.82 2.27 23.12
C THR C 21 24.38 1.49 21.89
N VAL C 22 24.02 2.21 20.82
CA VAL C 22 23.53 1.60 19.57
C VAL C 22 24.22 2.22 18.36
N GLU C 23 24.15 1.51 17.25
CA GLU C 23 24.87 1.87 16.05
C GLU C 23 23.91 1.83 14.87
N LEU C 24 23.70 2.98 14.24
CA LEU C 24 22.94 3.04 12.99
C LEU C 24 23.90 3.44 11.87
N GLY C 25 24.74 2.48 11.49
CA GLY C 25 25.70 2.65 10.40
C GLY C 25 26.88 3.48 10.84
N GLU C 26 27.21 4.51 10.07
CA GLU C 26 28.20 5.51 10.46
C GLU C 26 27.98 5.96 11.91
N LEU C 27 26.73 6.12 12.30
CA LEU C 27 26.41 6.69 13.61
C LEU C 27 26.50 5.67 14.72
N ARG C 28 26.93 6.14 15.88
CA ARG C 28 26.98 5.37 17.10
C ARG C 28 26.50 6.31 18.17
N LEU C 29 25.61 5.86 19.05
CA LEU C 29 24.91 6.79 19.93
C LEU C 29 24.27 6.19 21.18
N ARG C 30 24.05 7.03 22.19
CA ARG C 30 23.73 6.58 23.53
C ARG C 30 22.30 6.93 23.95
N VAL C 31 21.65 5.95 24.56
CA VAL C 31 20.24 6.03 24.92
C VAL C 31 20.08 6.67 26.30
N ARG C 32 19.54 7.88 26.33
CA ARG C 32 19.60 8.73 27.52
C ARG C 32 18.39 8.55 28.45
N ARG C 33 17.20 8.51 27.88
CA ARG C 33 15.96 8.42 28.67
C ARG C 33 14.72 8.06 27.83
N VAL C 34 13.64 7.72 28.51
CA VAL C 34 12.34 7.45 27.87
C VAL C 34 11.67 8.78 27.60
N LEU C 35 10.94 8.87 26.51
CA LEU C 35 10.05 10.02 26.20
C LEU C 35 8.57 9.59 26.15
N ALA C 36 8.29 8.42 25.58
CA ALA C 36 6.93 7.84 25.56
C ALA C 36 6.98 6.31 25.54
N GLU C 37 6.06 5.64 26.24
CA GLU C 37 6.02 4.17 26.30
C GLU C 37 5.00 3.62 25.29
N GLY C 38 4.01 2.83 25.72
CA GLY C 38 2.89 2.45 24.83
C GLY C 38 2.76 0.96 24.53
N GLY C 39 2.17 0.65 23.37
CA GLY C 39 1.81 -0.72 23.01
C GLY C 39 2.95 -1.53 22.43
N PHE C 40 3.18 -1.36 21.12
CA PHE C 40 4.23 -2.08 20.40
C PHE C 40 5.63 -1.45 20.58
N ALA C 41 5.63 -0.16 20.94
CA ALA C 41 6.79 0.71 20.77
C ALA C 41 7.23 1.48 22.03
N PHE C 42 8.45 2.03 21.99
CA PHE C 42 8.89 3.04 22.94
C PHE C 42 9.71 4.11 22.20
N VAL C 43 9.69 5.33 22.72
CA VAL C 43 10.48 6.42 22.17
C VAL C 43 11.48 6.91 23.23
N TYR C 44 12.73 7.13 22.79
CA TYR C 44 13.81 7.56 23.67
C TYR C 44 14.56 8.76 23.10
N GLU C 45 15.19 9.52 23.98
CA GLU C 45 16.20 10.49 23.58
C GLU C 45 17.54 9.79 23.38
N ALA C 46 18.25 10.14 22.32
CA ALA C 46 19.52 9.50 22.00
C ALA C 46 20.56 10.49 21.48
N GLN C 47 21.82 10.29 21.84
CA GLN C 47 22.91 11.22 21.52
C GLN C 47 24.07 10.58 20.76
N ASP C 48 24.50 11.21 19.66
CA ASP C 48 25.65 10.75 18.91
C ASP C 48 26.86 10.88 19.81
N VAL C 49 27.47 9.75 20.11
CA VAL C 49 28.56 9.66 21.06
C VAL C 49 29.83 10.34 20.55
N GLY C 50 30.00 10.43 19.23
CA GLY C 50 31.11 11.16 18.63
C GLY C 50 30.81 12.63 18.37
N SER C 51 29.69 12.87 17.68
CA SER C 51 29.35 14.19 17.18
C SER C 51 28.61 15.07 18.19
N GLY C 52 28.05 14.47 19.24
CA GLY C 52 27.32 15.23 20.28
C GLY C 52 25.89 15.65 19.94
N ARG C 53 25.46 15.44 18.69
CA ARG C 53 24.14 15.85 18.22
C ARG C 53 23.08 14.87 18.75
N GLU C 54 21.89 15.39 19.10
CA GLU C 54 20.82 14.58 19.70
C GLU C 54 19.74 14.18 18.68
N TYR C 55 18.99 13.15 19.03
CA TYR C 55 18.02 12.50 18.15
C TYR C 55 16.87 11.87 18.93
N ALA C 56 15.75 11.67 18.23
CA ALA C 56 14.70 10.82 18.73
C ALA C 56 14.89 9.41 18.17
N LEU C 57 14.54 8.42 18.96
CA LEU C 57 14.73 7.03 18.57
C LEU C 57 13.49 6.24 18.93
N LYS C 58 12.80 5.72 17.93
CA LYS C 58 11.62 4.88 18.16
C LYS C 58 11.98 3.42 17.97
N ARG C 59 11.57 2.59 18.91
CA ARG C 59 11.96 1.19 18.90
C ARG C 59 10.68 0.38 18.90
N LEU C 60 10.49 -0.36 17.81
CA LEU C 60 9.28 -1.14 17.60
C LEU C 60 9.60 -2.62 17.63
N LEU C 61 8.80 -3.39 18.35
CA LEU C 61 9.02 -4.81 18.59
C LEU C 61 8.10 -5.63 17.71
N SER C 62 8.62 -6.70 17.10
CA SER C 62 7.79 -7.61 16.33
C SER C 62 8.14 -9.07 16.58
N ASN C 63 7.11 -9.88 16.73
CA ASN C 63 7.22 -11.32 16.77
C ASN C 63 6.33 -11.99 15.72
N GLU C 64 5.81 -11.19 14.77
CA GLU C 64 4.92 -11.66 13.71
C GLU C 64 5.27 -11.01 12.36
N GLU C 65 5.23 -11.76 11.26
CA GLU C 65 5.46 -11.14 9.92
C GLU C 65 4.45 -10.05 9.58
N GLU C 66 3.24 -10.21 10.07
CA GLU C 66 2.20 -9.19 10.00
C GLU C 66 2.71 -7.85 10.57
N LYS C 67 3.23 -7.90 11.79
CA LYS C 67 3.78 -6.71 12.42
C LYS C 67 5.01 -6.14 11.69
N ASN C 68 5.89 -7.02 11.23
CA ASN C 68 7.02 -6.64 10.38
C ASN C 68 6.54 -5.72 9.23
N ARG C 69 5.46 -6.14 8.57
CA ARG C 69 4.95 -5.45 7.41
CA ARG C 69 4.95 -5.44 7.41
C ARG C 69 4.44 -4.04 7.79
N ALA C 70 3.63 -3.96 8.86
CA ALA C 70 3.14 -2.70 9.42
C ALA C 70 4.30 -1.76 9.84
N ILE C 71 5.30 -2.32 10.50
CA ILE C 71 6.46 -1.49 10.92
C ILE C 71 7.28 -0.97 9.73
N ILE C 72 7.60 -1.84 8.77
CA ILE C 72 8.32 -1.42 7.56
C ILE C 72 7.52 -0.35 6.76
N GLN C 73 6.20 -0.53 6.71
CA GLN C 73 5.33 0.44 6.07
C GLN C 73 5.43 1.81 6.73
N GLU C 74 5.38 1.84 8.05
CA GLU C 74 5.55 3.09 8.78
C GLU C 74 6.89 3.77 8.47
N VAL C 75 7.98 2.99 8.48
CA VAL C 75 9.32 3.51 8.14
C VAL C 75 9.34 4.07 6.71
N CYS C 76 8.71 3.36 5.77
CA CYS C 76 8.64 3.84 4.39
C CYS C 76 7.87 5.15 4.29
N PHE C 77 6.77 5.29 5.02
CA PHE C 77 6.01 6.55 5.01
C PHE C 77 6.84 7.67 5.59
N MET C 78 7.53 7.42 6.70
CA MET C 78 8.37 8.45 7.31
C MET C 78 9.42 8.94 6.32
N LYS C 79 10.08 8.01 5.63
CA LYS C 79 11.09 8.35 4.64
C LYS C 79 10.51 9.13 3.47
N LYS C 80 9.35 8.71 3.00
CA LYS C 80 8.75 9.36 1.84
C LYS C 80 8.37 10.81 2.16
N LEU C 81 7.98 11.08 3.39
CA LEU C 81 7.40 12.38 3.72
C LEU C 81 8.45 13.30 4.31
N SER C 82 9.67 12.80 4.49
CA SER C 82 10.69 13.64 5.10
C SER C 82 11.06 14.78 4.18
N GLY C 83 11.63 15.84 4.73
CA GLY C 83 11.97 17.00 3.94
C GLY C 83 10.97 18.14 4.13
N HIS C 84 9.79 17.86 4.65
CA HIS C 84 8.79 18.89 4.77
C HIS C 84 8.90 19.62 6.12
N PRO C 85 8.71 20.95 6.11
CA PRO C 85 8.99 21.71 7.34
C PRO C 85 8.05 21.38 8.49
N ASN C 86 6.90 20.78 8.23
CA ASN C 86 5.98 20.41 9.31
C ASN C 86 5.83 18.89 9.49
N ILE C 87 6.79 18.13 8.98
CA ILE C 87 6.88 16.68 9.24
C ILE C 87 8.23 16.39 9.85
N VAL C 88 8.27 15.58 10.92
CA VAL C 88 9.55 15.19 11.54
C VAL C 88 10.54 14.66 10.47
N GLN C 89 11.77 15.13 10.53
CA GLN C 89 12.83 14.70 9.62
CA GLN C 89 12.82 14.68 9.61
C GLN C 89 13.31 13.28 9.94
N PHE C 90 13.23 12.41 8.93
CA PHE C 90 13.76 11.08 8.96
C PHE C 90 15.28 11.18 8.91
N CYS C 91 15.97 10.45 9.77
CA CYS C 91 17.45 10.39 9.71
C CYS C 91 17.95 9.02 9.24
N SER C 92 17.51 7.95 9.88
CA SER C 92 17.81 6.59 9.39
C SER C 92 16.98 5.55 10.12
N ALA C 93 17.12 4.30 9.71
CA ALA C 93 16.46 3.18 10.38
C ALA C 93 17.34 1.93 10.38
N ALA C 94 17.04 1.01 11.28
CA ALA C 94 17.77 -0.24 11.36
C ALA C 94 16.97 -1.31 12.06
N SER C 95 17.52 -2.52 12.10
CA SER C 95 16.88 -3.70 12.66
C SER C 95 17.85 -4.51 13.52
N ILE C 96 17.30 -5.18 14.52
CA ILE C 96 18.01 -6.12 15.38
C ILE C 96 17.21 -7.43 15.31
N GLY C 97 17.87 -8.51 14.89
CA GLY C 97 17.20 -9.80 14.79
C GLY C 97 16.87 -10.38 16.15
N LYS C 98 15.90 -11.31 16.18
CA LYS C 98 15.48 -12.00 17.42
C LYS C 98 16.66 -12.51 18.25
N GLU C 99 17.75 -12.85 17.57
CA GLU C 99 18.94 -13.47 18.18
C GLU C 99 19.73 -12.46 19.04
N GLU C 100 19.76 -11.19 18.62
CA GLU C 100 20.56 -10.14 19.29
C GLU C 100 19.79 -9.35 20.35
N SER C 101 18.46 -9.35 20.27
CA SER C 101 17.66 -8.42 21.06
C SER C 101 17.52 -8.86 22.52
N ASP C 102 17.36 -7.86 23.40
CA ASP C 102 17.10 -8.09 24.83
C ASP C 102 15.69 -8.67 25.06
N THR C 103 14.80 -8.54 24.05
CA THR C 103 13.44 -9.08 24.15
C THR C 103 13.27 -10.49 23.59
N GLY C 104 14.09 -10.88 22.61
CA GLY C 104 13.89 -12.14 21.89
C GLY C 104 12.98 -11.99 20.67
N GLN C 105 12.55 -10.76 20.41
CA GLN C 105 11.72 -10.42 19.27
C GLN C 105 12.57 -9.62 18.28
N ALA C 106 12.11 -9.49 17.03
CA ALA C 106 12.79 -8.61 16.09
C ALA C 106 12.56 -7.17 16.53
N GLU C 107 13.56 -6.32 16.36
CA GLU C 107 13.47 -4.93 16.79
C GLU C 107 13.81 -4.01 15.65
N PHE C 108 13.00 -2.98 15.47
CA PHE C 108 13.21 -2.00 14.42
C PHE C 108 13.51 -0.69 15.10
N LEU C 109 14.45 0.06 14.57
CA LEU C 109 14.87 1.30 15.17
C LEU C 109 14.74 2.39 14.14
N LEU C 110 14.05 3.47 14.52
CA LEU C 110 13.78 4.60 13.61
C LEU C 110 14.39 5.82 14.25
N LEU C 111 15.27 6.49 13.50
CA LEU C 111 15.98 7.64 14.01
C LEU C 111 15.44 8.91 13.35
N THR C 112 15.03 9.87 14.15
CA THR C 112 14.58 11.15 13.61
C THR C 112 15.23 12.31 14.31
N GLU C 113 15.01 13.51 13.78
CA GLU C 113 15.36 14.73 14.50
C GLU C 113 14.57 14.69 15.80
N LEU C 114 15.14 15.32 16.83
CA LEU C 114 14.51 15.44 18.14
C LEU C 114 13.82 16.80 18.21
N CYS C 115 12.50 16.76 18.36
CA CYS C 115 11.74 17.97 18.60
C CYS C 115 11.84 18.35 20.05
N LYS C 116 11.38 19.55 20.35
CA LYS C 116 11.47 20.09 21.69
C LYS C 116 10.50 19.40 22.65
N GLY C 117 9.43 18.84 22.12
CA GLY C 117 8.44 18.19 22.97
C GLY C 117 7.05 18.17 22.36
N GLN C 118 6.08 17.82 23.18
CA GLN C 118 4.73 17.62 22.72
C GLN C 118 3.91 18.93 22.75
N LEU C 119 3.20 19.23 21.67
CA LEU C 119 2.43 20.47 21.57
C LEU C 119 1.55 20.67 22.79
N VAL C 120 0.84 19.62 23.23
CA VAL C 120 -0.11 19.78 24.34
C VAL C 120 0.57 20.18 25.65
N GLU C 121 1.82 19.81 25.83
CA GLU C 121 2.51 20.18 27.07
C GLU C 121 2.73 21.68 27.05
N PHE C 122 3.07 22.23 25.89
CA PHE C 122 3.33 23.68 25.79
C PHE C 122 2.04 24.50 25.90
N LEU C 123 0.95 23.96 25.40
CA LEU C 123 -0.35 24.61 25.53
C LEU C 123 -0.83 24.59 26.96
N LYS C 124 -0.53 23.50 27.66
CA LYS C 124 -0.86 23.36 29.09
C LYS C 124 -0.18 24.44 29.93
N LYS C 125 1.09 24.72 29.65
CA LYS C 125 1.83 25.81 30.30
C LYS C 125 1.16 27.17 30.12
N MET C 126 0.59 27.38 28.95
CA MET C 126 0.08 28.67 28.56
C MET C 126 -1.41 28.87 28.88
N GLU C 127 -2.11 27.80 29.27
CA GLU C 127 -3.55 27.89 29.48
C GLU C 127 -3.89 28.41 30.87
N SER C 128 -2.88 28.48 31.72
CA SER C 128 -2.95 29.29 32.92
C SER C 128 -2.99 30.78 32.53
N ARG C 129 -2.45 31.10 31.36
CA ARG C 129 -2.25 32.48 30.93
C ARG C 129 -3.37 33.00 29.99
N GLY C 130 -4.46 32.23 29.86
CA GLY C 130 -5.64 32.70 29.13
C GLY C 130 -5.83 32.02 27.79
N PRO C 131 -6.99 32.23 27.14
CA PRO C 131 -7.22 31.61 25.84
C PRO C 131 -6.14 31.95 24.83
N LEU C 132 -5.89 31.07 23.87
CA LEU C 132 -4.94 31.36 22.80
C LEU C 132 -5.46 32.47 21.92
N SER C 133 -4.57 33.37 21.51
CA SER C 133 -4.92 34.39 20.52
C SER C 133 -5.23 33.75 19.19
N CYS C 134 -6.03 34.43 18.36
CA CYS C 134 -6.30 33.91 17.03
C CYS C 134 -5.05 33.68 16.18
N ASP C 135 -4.07 34.56 16.30
CA ASP C 135 -2.86 34.42 15.52
C ASP C 135 -2.15 33.09 15.87
N THR C 136 -2.13 32.75 17.15
CA THR C 136 -1.51 31.53 17.61
C THR C 136 -2.27 30.29 17.14
N VAL C 137 -3.59 30.33 17.21
CA VAL C 137 -4.40 29.26 16.67
C VAL C 137 -4.13 29.13 15.20
N LEU C 138 -4.14 30.26 14.49
CA LEU C 138 -3.88 30.25 13.05
C LEU C 138 -2.56 29.56 12.70
N LYS C 139 -1.50 29.91 13.39
CA LYS C 139 -0.18 29.33 13.09
C LYS C 139 -0.16 27.83 13.39
N ILE C 140 -0.72 27.44 14.53
CA ILE C 140 -0.72 26.04 14.91
C ILE C 140 -1.44 25.28 13.83
N PHE C 141 -2.63 25.75 13.48
CA PHE C 141 -3.50 24.95 12.65
C PHE C 141 -3.04 24.91 11.20
N TYR C 142 -2.54 26.03 10.69
CA TYR C 142 -1.99 26.08 9.32
C TYR C 142 -0.83 25.13 9.12
N GLN C 143 0.10 25.16 10.06
CA GLN C 143 1.28 24.32 9.99
C GLN C 143 0.91 22.84 10.06
N THR C 144 -0.07 22.49 10.89
CA THR C 144 -0.65 21.16 10.92
C THR C 144 -1.27 20.78 9.60
N CYS C 145 -2.11 21.66 9.06
CA CYS C 145 -2.77 21.41 7.78
C CYS C 145 -1.79 21.32 6.63
N ARG C 146 -0.70 22.04 6.69
CA ARG C 146 0.31 21.96 5.62
C ARG C 146 1.04 20.59 5.60
N ALA C 147 1.33 20.05 6.78
CA ALA C 147 1.83 18.66 6.92
C ALA C 147 0.84 17.74 6.27
N VAL C 148 -0.45 17.88 6.57
CA VAL C 148 -1.45 16.94 6.04
C VAL C 148 -1.61 17.16 4.53
N GLN C 149 -1.54 18.40 4.08
CA GLN C 149 -1.56 18.66 2.66
C GLN C 149 -0.41 17.96 1.88
N HIS C 150 0.80 17.94 2.46
CA HIS C 150 1.94 17.24 1.86
C HIS C 150 1.61 15.73 1.70
N MET C 151 0.93 15.14 2.67
CA MET C 151 0.48 13.74 2.58
C MET C 151 -0.57 13.52 1.48
N HIS C 152 -1.60 14.38 1.42
CA HIS C 152 -2.69 14.19 0.48
C HIS C 152 -2.29 14.53 -0.94
N ARG C 153 -1.19 15.23 -1.10
CA ARG C 153 -0.67 15.52 -2.44
C ARG C 153 0.23 14.43 -2.99
N GLN C 154 0.57 13.43 -2.21
CA GLN C 154 1.39 12.38 -2.75
C GLN C 154 0.55 11.67 -3.82
N LYS C 155 1.22 10.90 -4.67
CA LYS C 155 0.57 10.21 -5.77
C LYS C 155 0.87 8.74 -5.72
N PRO C 156 -0.07 7.93 -5.22
CA PRO C 156 -1.38 8.26 -4.72
C PRO C 156 -1.32 8.94 -3.38
N PRO C 157 -2.43 9.54 -2.91
CA PRO C 157 -2.40 10.21 -1.62
C PRO C 157 -2.14 9.27 -0.46
N ILE C 158 -1.47 9.76 0.58
CA ILE C 158 -1.27 9.05 1.83
C ILE C 158 -2.21 9.63 2.90
N ILE C 159 -3.03 8.75 3.48
CA ILE C 159 -4.05 9.13 4.45
C ILE C 159 -3.50 8.85 5.84
N HIS C 160 -3.61 9.80 6.76
CA HIS C 160 -3.00 9.64 8.06
C HIS C 160 -3.80 8.71 8.95
N ARG C 161 -5.09 9.00 9.09
CA ARG C 161 -6.08 8.21 9.84
C ARG C 161 -6.00 8.30 11.35
N ASP C 162 -5.03 9.04 11.88
CA ASP C 162 -4.88 9.15 13.35
C ASP C 162 -4.50 10.58 13.80
N LEU C 163 -5.03 11.56 13.11
CA LEU C 163 -4.75 12.96 13.46
C LEU C 163 -5.40 13.33 14.77
N LYS C 164 -4.57 13.74 15.72
CA LYS C 164 -5.04 14.25 17.00
C LYS C 164 -3.99 15.14 17.62
N VAL C 165 -4.47 15.99 18.49
CA VAL C 165 -3.66 17.09 18.97
C VAL C 165 -2.52 16.58 19.85
N GLU C 166 -2.65 15.36 20.39
CA GLU C 166 -1.59 14.75 21.22
C GLU C 166 -0.33 14.31 20.47
N ASN C 167 -0.44 13.97 19.17
CA ASN C 167 0.71 13.59 18.36
CA ASN C 167 0.72 13.59 18.35
C ASN C 167 1.16 14.68 17.38
N LEU C 168 1.08 15.93 17.85
CA LEU C 168 1.71 17.06 17.21
C LEU C 168 2.84 17.42 18.11
N LEU C 169 3.98 17.69 17.51
CA LEU C 169 5.15 18.08 18.25
C LEU C 169 5.51 19.52 17.94
N LEU C 170 6.24 20.16 18.86
CA LEU C 170 6.83 21.46 18.64
C LEU C 170 8.33 21.33 18.41
N SER C 171 8.80 21.80 17.26
CA SER C 171 10.21 21.76 16.90
C SER C 171 11.03 22.77 17.71
N ASN C 172 12.35 22.64 17.65
CA ASN C 172 13.23 23.58 18.34
C ASN C 172 13.11 25.00 17.78
N GLN C 173 12.67 25.11 16.52
CA GLN C 173 12.42 26.40 15.88
C GLN C 173 11.06 26.97 16.28
N GLY C 174 10.27 26.20 17.03
CA GLY C 174 8.94 26.63 17.46
C GLY C 174 7.85 26.42 16.42
N THR C 175 8.04 25.43 15.54
CA THR C 175 7.06 25.09 14.51
C THR C 175 6.45 23.74 14.78
N ILE C 176 5.33 23.48 14.13
CA ILE C 176 4.62 22.24 14.34
C ILE C 176 5.22 21.13 13.52
N LYS C 177 5.32 19.95 14.13
CA LYS C 177 5.84 18.79 13.48
C LYS C 177 4.88 17.64 13.67
N LEU C 178 4.44 17.10 12.55
CA LEU C 178 3.56 15.94 12.54
C LEU C 178 4.35 14.64 12.46
N CYS C 179 3.95 13.67 13.26
CA CYS C 179 4.57 12.35 13.27
C CYS C 179 3.46 11.32 13.43
N ASP C 180 3.84 10.07 13.76
CA ASP C 180 2.89 8.99 14.03
C ASP C 180 2.24 8.47 12.74
N PHE C 181 3.05 7.84 11.91
CA PHE C 181 2.53 7.27 10.66
C PHE C 181 2.13 5.81 10.74
N GLY C 182 1.91 5.33 11.94
CA GLY C 182 1.59 3.90 12.17
C GLY C 182 0.19 3.49 11.74
N SER C 183 -0.71 4.43 11.55
CA SER C 183 -2.06 4.10 11.07
C SER C 183 -2.24 4.49 9.60
N ALA C 184 -1.24 5.08 9.00
CA ALA C 184 -1.41 5.70 7.67
C ALA C 184 -1.55 4.63 6.60
N THR C 185 -2.19 4.95 5.49
CA THR C 185 -2.40 4.01 4.42
C THR C 185 -2.45 4.71 3.05
N THR C 186 -2.36 3.92 1.99
CA THR C 186 -2.39 4.43 0.64
C THR C 186 -2.70 3.27 -0.29
N ILE C 187 -2.53 3.47 -1.59
CA ILE C 187 -2.69 2.42 -2.55
C ILE C 187 -1.30 2.05 -3.08
N SER C 188 -1.03 0.76 -3.13
CA SER C 188 0.19 0.24 -3.73
C SER C 188 0.04 -0.04 -5.22
N HIS C 189 1.16 0.04 -5.91
CA HIS C 189 1.27 -0.30 -7.34
C HIS C 189 0.35 0.57 -8.13
N TYR C 190 0.42 1.86 -7.81
CA TYR C 190 -0.32 2.86 -8.53
C TYR C 190 0.44 3.21 -9.81
N PRO C 191 -0.20 3.00 -10.98
CA PRO C 191 0.45 3.27 -12.28
C PRO C 191 0.97 4.69 -12.42
N TYR C 224 -5.91 7.32 -13.98
CA TYR C 224 -7.29 7.04 -14.38
C TYR C 224 -8.31 7.56 -13.36
N SER C 225 -7.83 7.94 -12.17
CA SER C 225 -8.72 8.31 -11.08
C SER C 225 -8.33 9.59 -10.35
N ASN C 226 -9.33 10.23 -9.79
CA ASN C 226 -9.19 10.85 -8.50
C ASN C 226 -10.53 10.72 -7.76
N PHE C 227 -10.77 9.50 -7.27
CA PHE C 227 -11.81 9.22 -6.30
C PHE C 227 -11.25 9.57 -4.93
N PRO C 228 -12.14 9.97 -3.98
CA PRO C 228 -11.69 10.04 -2.60
C PRO C 228 -11.38 8.63 -2.11
N ILE C 229 -10.33 8.50 -1.30
CA ILE C 229 -9.92 7.21 -0.78
C ILE C 229 -9.66 7.36 0.70
N GLY C 230 -10.22 8.40 1.34
CA GLY C 230 -10.01 8.59 2.79
C GLY C 230 -9.57 9.93 3.28
N GLU C 231 -9.12 10.76 2.35
CA GLU C 231 -8.74 12.13 2.66
C GLU C 231 -9.75 12.80 3.57
N LYS C 232 -11.02 12.60 3.31
CA LYS C 232 -12.03 13.34 4.04
C LYS C 232 -12.12 12.93 5.54
N GLN C 233 -11.69 11.71 5.91
CA GLN C 233 -11.65 11.38 7.35
CA GLN C 233 -11.58 11.32 7.33
C GLN C 233 -10.58 12.18 8.06
N ASP C 234 -9.45 12.41 7.40
CA ASP C 234 -8.43 13.23 7.97
C ASP C 234 -8.97 14.67 8.19
N ILE C 235 -9.81 15.16 7.26
CA ILE C 235 -10.34 16.55 7.38
C ILE C 235 -11.29 16.65 8.60
N TRP C 236 -12.18 15.69 8.76
CA TRP C 236 -13.03 15.63 9.96
C TRP C 236 -12.16 15.75 11.23
N ALA C 237 -11.09 14.96 11.28
CA ALA C 237 -10.16 15.01 12.42
C ALA C 237 -9.52 16.37 12.58
N LEU C 238 -9.17 17.03 11.46
CA LEU C 238 -8.55 18.36 11.57
C LEU C 238 -9.54 19.39 12.08
N GLY C 239 -10.80 19.21 11.72
CA GLY C 239 -11.85 20.10 12.23
C GLY C 239 -11.98 20.00 13.73
N CYS C 240 -11.85 18.78 14.27
CA CYS C 240 -11.87 18.57 15.73
C CYS C 240 -10.71 19.31 16.38
N ILE C 241 -9.53 19.27 15.76
CA ILE C 241 -8.37 20.00 16.28
C ILE C 241 -8.58 21.53 16.28
N LEU C 242 -9.06 22.10 15.17
CA LEU C 242 -9.32 23.54 15.19
C LEU C 242 -10.33 23.86 16.28
N TYR C 243 -11.34 23.04 16.42
CA TYR C 243 -12.36 23.30 17.48
C TYR C 243 -11.69 23.29 18.87
N LEU C 244 -10.94 22.24 19.13
CA LEU C 244 -10.21 22.08 20.39
C LEU C 244 -9.28 23.22 20.70
N LEU C 245 -8.53 23.67 19.72
CA LEU C 245 -7.61 24.81 19.96
C LEU C 245 -8.37 26.09 20.34
N CYS C 246 -9.46 26.39 19.65
CA CYS C 246 -10.23 27.60 20.02
C CYS C 246 -10.89 27.47 21.39
N PHE C 247 -11.64 26.39 21.61
CA PHE C 247 -12.56 26.28 22.76
C PHE C 247 -12.14 25.27 23.83
N ARG C 248 -10.95 24.71 23.68
CA ARG C 248 -10.27 23.88 24.69
C ARG C 248 -11.11 22.71 25.17
N GLN C 249 -11.96 22.22 24.27
CA GLN C 249 -12.84 21.08 24.54
C GLN C 249 -12.97 20.35 23.21
N HIS C 250 -13.20 19.04 23.25
CA HIS C 250 -13.45 18.29 22.01
C HIS C 250 -14.90 18.52 21.61
N PRO C 251 -15.18 18.56 20.29
CA PRO C 251 -16.56 18.86 19.87
C PRO C 251 -17.60 17.74 20.11
N PHE C 252 -17.14 16.54 20.45
CA PHE C 252 -18.00 15.35 20.51
C PHE C 252 -17.73 14.47 21.72
N SER C 266 -21.04 21.80 18.75
CA SER C 266 -21.58 23.12 18.89
C SER C 266 -20.52 24.20 19.24
N ILE C 267 -20.42 25.21 18.36
CA ILE C 267 -19.62 26.41 18.60
C ILE C 267 -20.40 27.33 19.54
N PRO C 268 -19.75 27.83 20.62
CA PRO C 268 -20.44 28.69 21.57
C PRO C 268 -21.12 29.87 20.88
N PRO C 269 -22.35 30.20 21.29
CA PRO C 269 -23.25 31.06 20.50
C PRO C 269 -22.83 32.53 20.35
N HIS C 270 -22.10 33.06 21.31
CA HIS C 270 -21.79 34.49 21.34
C HIS C 270 -20.30 34.77 21.21
N ASP C 271 -19.51 33.77 20.84
CA ASP C 271 -18.07 33.95 20.68
C ASP C 271 -17.75 35.07 19.69
N THR C 272 -17.15 36.14 20.19
CA THR C 272 -16.61 37.20 19.35
C THR C 272 -15.10 37.08 19.10
N GLN C 273 -14.41 36.13 19.73
CA GLN C 273 -12.97 36.00 19.49
C GLN C 273 -12.60 35.14 18.27
N TYR C 274 -13.16 33.94 18.19
CA TYR C 274 -12.75 32.99 17.17
C TYR C 274 -13.74 32.93 16.02
N THR C 275 -14.65 33.90 15.96
CA THR C 275 -15.67 33.92 14.90
C THR C 275 -15.06 33.72 13.53
N VAL C 276 -13.91 34.34 13.28
CA VAL C 276 -13.21 34.20 11.99
C VAL C 276 -13.05 32.74 11.59
N PHE C 277 -12.92 31.80 12.57
CA PHE C 277 -12.80 30.37 12.25
C PHE C 277 -14.11 29.58 12.15
N HIS C 278 -15.26 30.17 12.51
CA HIS C 278 -16.47 29.34 12.69
C HIS C 278 -16.90 28.73 11.41
N SER C 279 -16.83 29.41 10.28
CA SER C 279 -17.34 28.79 9.04
CA SER C 279 -17.32 28.78 9.05
C SER C 279 -16.47 27.59 8.64
N LEU C 280 -15.18 27.69 8.91
CA LEU C 280 -14.22 26.66 8.45
C LEU C 280 -14.37 25.41 9.35
N ILE C 281 -14.55 25.62 10.65
CA ILE C 281 -14.86 24.52 11.57
C ILE C 281 -16.07 23.74 11.09
N ARG C 282 -17.17 24.45 10.83
CA ARG C 282 -18.36 23.75 10.40
C ARG C 282 -18.16 23.04 9.08
N ALA C 283 -17.44 23.65 8.15
CA ALA C 283 -17.25 23.04 6.86
C ALA C 283 -16.35 21.78 6.93
N MET C 284 -15.43 21.72 7.89
CA MET C 284 -14.60 20.52 8.12
C MET C 284 -15.32 19.43 8.89
N LEU C 285 -16.33 19.82 9.68
CA LEU C 285 -17.12 18.86 10.50
C LEU C 285 -18.44 18.55 9.85
N GLN C 286 -18.58 18.91 8.59
CA GLN C 286 -19.66 18.42 7.76
C GLN C 286 -19.85 16.87 7.80
N VAL C 287 -21.06 16.39 8.07
CA VAL C 287 -21.32 14.96 8.18
C VAL C 287 -21.12 14.26 6.80
N ASN C 288 -21.60 14.92 5.72
CA ASN C 288 -21.50 14.34 4.38
C ASN C 288 -20.07 14.60 3.90
N PRO C 289 -19.30 13.51 3.66
CA PRO C 289 -17.90 13.64 3.23
C PRO C 289 -17.71 14.41 1.90
N GLU C 290 -18.66 14.29 0.97
CA GLU C 290 -18.63 15.06 -0.29
C GLU C 290 -18.76 16.58 -0.07
N GLU C 291 -19.50 16.97 0.97
CA GLU C 291 -19.74 18.36 1.30
C GLU C 291 -18.58 18.87 2.04
N ARG C 292 -18.00 18.01 2.83
CA ARG C 292 -16.85 18.37 3.67
C ARG C 292 -15.70 18.90 2.80
N LEU C 293 -14.93 19.84 3.31
CA LEU C 293 -13.85 20.45 2.56
C LEU C 293 -12.71 19.47 2.31
N SER C 294 -11.95 19.69 1.22
CA SER C 294 -10.67 19.06 1.00
C SER C 294 -9.59 19.81 1.75
N ILE C 295 -8.39 19.22 1.82
CA ILE C 295 -7.30 19.92 2.50
C ILE C 295 -6.92 21.20 1.70
N ALA C 296 -7.06 21.20 0.39
CA ALA C 296 -6.73 22.41 -0.40
C ALA C 296 -7.76 23.51 -0.13
N GLU C 297 -9.05 23.16 0.00
CA GLU C 297 -10.08 24.09 0.43
C GLU C 297 -9.79 24.67 1.78
N VAL C 298 -9.27 23.87 2.70
CA VAL C 298 -8.97 24.39 4.06
C VAL C 298 -7.75 25.33 3.97
N VAL C 299 -6.65 24.85 3.40
CA VAL C 299 -5.40 25.64 3.39
C VAL C 299 -5.59 27.00 2.70
N HIS C 300 -6.36 27.02 1.61
CA HIS C 300 -6.54 28.23 0.83
C HIS C 300 -7.20 29.25 1.77
N GLN C 301 -8.21 28.81 2.53
CA GLN C 301 -8.91 29.72 3.42
C GLN C 301 -8.00 30.22 4.52
N LEU C 302 -7.14 29.34 5.03
CA LEU C 302 -6.23 29.71 6.13
C LEU C 302 -5.22 30.74 5.64
N GLN C 303 -4.78 30.59 4.40
CA GLN C 303 -3.87 31.55 3.79
C GLN C 303 -4.51 32.94 3.67
N GLU C 304 -5.78 33.02 3.26
CA GLU C 304 -6.43 34.36 3.11
C GLU C 304 -6.69 34.97 4.51
N ILE C 305 -7.02 34.14 5.49
CA ILE C 305 -7.19 34.66 6.83
C ILE C 305 -5.87 35.23 7.32
N ALA C 306 -4.77 34.49 7.14
CA ALA C 306 -3.46 34.98 7.55
C ALA C 306 -3.06 36.30 6.89
N ALA C 307 -3.30 36.42 5.59
CA ALA C 307 -3.00 37.65 4.88
C ALA C 307 -3.80 38.81 5.44
N ALA C 308 -5.08 38.63 5.71
CA ALA C 308 -5.93 39.71 6.26
C ALA C 308 -5.42 40.17 7.62
N ARG C 309 -4.88 39.25 8.40
CA ARG C 309 -4.39 39.57 9.72
C ARG C 309 -2.91 39.94 9.73
N ASN C 310 -2.30 39.99 8.55
CA ASN C 310 -0.87 40.34 8.45
CA ASN C 310 -0.87 40.31 8.42
C ASN C 310 0.00 39.41 9.29
N VAL C 311 -0.29 38.10 9.22
CA VAL C 311 0.49 37.06 9.90
C VAL C 311 1.13 36.18 8.85
N ASN C 312 2.41 35.85 9.04
CA ASN C 312 3.07 34.77 8.27
C ASN C 312 2.84 33.47 9.02
N PRO C 313 1.95 32.61 8.50
CA PRO C 313 1.47 31.49 9.30
C PRO C 313 2.46 30.32 9.38
N LYS C 314 3.54 30.39 8.60
CA LYS C 314 4.61 29.39 8.62
C LYS C 314 5.66 29.73 9.66
N SER C 315 5.57 30.94 10.23
CA SER C 315 6.63 31.47 11.10
C SER C 315 6.58 30.82 12.49
N PRO C 316 7.71 30.92 13.24
CA PRO C 316 7.74 30.34 14.59
C PRO C 316 6.63 30.86 15.46
N ILE C 317 6.11 29.99 16.29
CA ILE C 317 5.06 30.35 17.20
C ILE C 317 5.77 30.77 18.47
N THR C 318 6.32 31.98 18.43
CA THR C 318 7.25 32.47 19.46
C THR C 318 6.62 32.50 20.84
N GLU C 319 5.34 32.83 20.90
CA GLU C 319 4.60 32.83 22.15
C GLU C 319 4.74 31.50 22.91
N LEU C 320 4.68 30.37 22.20
CA LEU C 320 4.87 29.03 22.80
C LEU C 320 6.28 28.76 23.29
N LEU C 321 7.26 29.48 22.75
CA LEU C 321 8.63 29.41 23.26
C LEU C 321 8.76 30.26 24.52
N GLU C 322 8.90 29.63 25.68
CA GLU C 322 9.01 30.33 26.96
C GLU C 322 10.04 29.64 27.85
N GLN D 1 -27.50 15.33 -16.26
CA GLN D 1 -26.77 16.42 -15.54
C GLN D 1 -27.73 17.35 -14.82
N VAL D 2 -27.15 18.22 -14.02
CA VAL D 2 -27.80 19.42 -13.56
C VAL D 2 -27.82 20.33 -14.80
N GLN D 3 -28.87 21.11 -14.94
CA GLN D 3 -28.94 22.12 -16.02
C GLN D 3 -28.63 23.50 -15.47
N LEU D 4 -27.77 24.21 -16.18
CA LEU D 4 -27.30 25.52 -15.75
C LEU D 4 -27.87 26.60 -16.68
N GLN D 5 -28.47 27.65 -16.10
CA GLN D 5 -28.99 28.78 -16.90
C GLN D 5 -28.20 30.03 -16.54
N GLU D 6 -27.51 30.62 -17.53
CA GLU D 6 -26.65 31.78 -17.33
C GLU D 6 -27.27 33.06 -17.87
N SER D 7 -27.02 34.17 -17.19
CA SER D 7 -27.28 35.47 -17.81
C SER D 7 -26.37 36.57 -17.27
N GLY D 8 -26.51 37.75 -17.85
CA GLY D 8 -25.69 38.92 -17.52
C GLY D 8 -24.55 39.07 -18.50
N GLY D 9 -23.52 39.79 -18.10
CA GLY D 9 -22.32 39.96 -18.92
C GLY D 9 -22.49 41.02 -19.99
N GLY D 10 -21.87 40.80 -21.16
CA GLY D 10 -21.86 41.76 -22.25
C GLY D 10 -20.62 42.66 -22.27
N SER D 11 -20.80 43.85 -22.84
CA SER D 11 -19.75 44.80 -23.03
C SER D 11 -19.82 45.91 -21.98
N VAL D 12 -18.64 46.36 -21.57
CA VAL D 12 -18.52 47.37 -20.55
C VAL D 12 -17.23 48.22 -20.74
N GLN D 13 -17.19 49.41 -20.15
CA GLN D 13 -15.97 50.23 -20.18
C GLN D 13 -14.95 49.76 -19.10
N ALA D 14 -13.68 50.02 -19.36
CA ALA D 14 -12.63 49.79 -18.42
C ALA D 14 -12.92 50.55 -17.15
N GLY D 15 -12.79 49.85 -16.04
CA GLY D 15 -13.12 50.41 -14.76
C GLY D 15 -14.58 50.18 -14.39
N GLY D 16 -15.38 49.63 -15.30
CA GLY D 16 -16.81 49.41 -15.07
C GLY D 16 -17.09 48.10 -14.35
N SER D 17 -18.39 47.76 -14.24
CA SER D 17 -18.84 46.52 -13.64
C SER D 17 -19.95 45.90 -14.42
N LEU D 18 -20.03 44.57 -14.26
CA LEU D 18 -21.08 43.76 -14.79
C LEU D 18 -21.43 42.72 -13.76
N ARG D 19 -22.53 42.01 -13.96
CA ARG D 19 -22.88 40.93 -13.05
C ARG D 19 -23.35 39.75 -13.88
N LEU D 20 -22.87 38.53 -13.54
CA LEU D 20 -23.33 37.30 -14.15
C LEU D 20 -24.18 36.61 -13.12
N SER D 21 -25.20 35.86 -13.54
CA SER D 21 -25.89 34.94 -12.63
C SER D 21 -25.97 33.55 -13.26
N CYS D 22 -26.04 32.53 -12.42
CA CYS D 22 -26.22 31.21 -12.88
C CYS D 22 -27.14 30.40 -11.94
N GLY D 23 -28.20 29.84 -12.51
CA GLY D 23 -29.22 29.06 -11.80
C GLY D 23 -29.08 27.59 -12.17
N ALA D 24 -29.09 26.72 -11.17
CA ALA D 24 -29.00 25.27 -11.39
C ALA D 24 -30.34 24.62 -11.16
N SER D 25 -30.63 23.56 -11.91
CA SER D 25 -31.87 22.83 -11.80
C SER D 25 -31.98 21.98 -10.53
N GLU D 26 -30.89 21.77 -9.79
CA GLU D 26 -30.94 21.07 -8.50
C GLU D 26 -29.90 21.69 -7.59
N TYR D 27 -29.91 21.25 -6.32
CA TYR D 27 -28.86 21.62 -5.41
C TYR D 27 -27.50 21.02 -5.91
N THR D 28 -26.42 21.79 -5.92
CA THR D 28 -25.09 21.17 -5.85
C THR D 28 -24.25 21.91 -4.85
N SER D 29 -23.22 21.24 -4.35
CA SER D 29 -22.48 21.70 -3.18
C SER D 29 -21.60 22.92 -3.49
N ARG D 30 -21.16 23.02 -4.74
CA ARG D 30 -20.20 24.04 -5.11
C ARG D 30 -20.44 24.52 -6.57
N MET D 31 -20.42 25.80 -6.78
CA MET D 31 -20.71 26.38 -8.06
C MET D 31 -19.70 27.52 -8.29
N GLY D 32 -19.24 27.65 -9.51
CA GLY D 32 -18.42 28.83 -9.80
C GLY D 32 -18.34 29.18 -11.26
N TRP D 33 -17.36 30.01 -11.59
CA TRP D 33 -17.12 30.40 -13.00
C TRP D 33 -15.70 30.16 -13.35
N PHE D 34 -15.50 29.63 -14.53
CA PHE D 34 -14.16 29.72 -15.13
C PHE D 34 -14.27 30.58 -16.39
N ARG D 35 -13.11 30.96 -16.94
CA ARG D 35 -13.11 31.73 -18.19
C ARG D 35 -12.02 31.30 -19.14
N GLN D 36 -12.21 31.71 -20.37
CA GLN D 36 -11.20 31.47 -21.39
C GLN D 36 -11.03 32.68 -22.24
N ALA D 37 -9.87 33.30 -22.07
CA ALA D 37 -9.49 34.45 -22.83
C ALA D 37 -8.96 34.01 -24.20
N PRO D 38 -8.90 34.94 -25.18
CA PRO D 38 -8.34 34.62 -26.49
C PRO D 38 -6.92 33.96 -26.44
N GLY D 39 -6.81 32.78 -27.05
CA GLY D 39 -5.59 31.98 -27.02
C GLY D 39 -5.06 31.45 -25.66
N ALA D 40 -5.81 31.63 -24.59
CA ALA D 40 -5.30 31.33 -23.24
C ALA D 40 -5.87 30.03 -22.73
N GLU D 41 -5.30 29.55 -21.61
CA GLU D 41 -5.85 28.40 -20.90
C GLU D 41 -7.16 28.76 -20.17
N ARG D 42 -8.01 27.76 -20.01
CA ARG D 42 -9.08 27.79 -19.00
C ARG D 42 -8.53 28.24 -17.67
N GLU D 43 -9.19 29.20 -17.07
CA GLU D 43 -8.75 29.78 -15.83
C GLU D 43 -9.96 29.84 -14.88
N GLY D 44 -9.87 29.12 -13.76
CA GLY D 44 -10.86 29.23 -12.69
C GLY D 44 -10.81 30.63 -12.07
N VAL D 45 -11.97 31.20 -11.87
CA VAL D 45 -12.06 32.61 -11.47
C VAL D 45 -12.67 32.75 -10.07
N ALA D 46 -13.77 32.06 -9.83
CA ALA D 46 -14.43 32.18 -8.55
C ALA D 46 -15.27 30.99 -8.32
N CYS D 47 -15.41 30.63 -7.06
CA CYS D 47 -16.18 29.44 -6.68
C CYS D 47 -16.75 29.64 -5.29
N ILE D 48 -17.96 29.16 -5.06
CA ILE D 48 -18.53 29.23 -3.72
C ILE D 48 -18.97 27.85 -3.16
N HIS D 49 -18.62 27.57 -1.90
CA HIS D 49 -19.09 26.39 -1.18
C HIS D 49 -20.43 26.67 -0.51
N ARG D 50 -21.50 26.07 -1.00
CA ARG D 50 -22.83 26.51 -0.58
C ARG D 50 -23.10 26.44 0.94
N GLN D 51 -22.78 25.32 1.61
CA GLN D 51 -23.19 25.15 3.02
C GLN D 51 -22.48 26.11 3.96
N SER D 52 -21.26 26.49 3.66
CA SER D 52 -20.48 27.36 4.53
C SER D 52 -20.41 28.82 4.08
N ASN D 53 -20.77 29.08 2.84
CA ASN D 53 -20.45 30.38 2.14
C ASN D 53 -19.01 30.75 1.94
N LEU D 54 -18.10 29.81 2.10
CA LEU D 54 -16.72 30.10 1.88
C LEU D 54 -16.55 30.34 0.39
N SER D 55 -15.74 31.33 0.04
CA SER D 55 -15.62 31.71 -1.35
C SER D 55 -14.14 31.71 -1.76
N TYR D 56 -13.91 31.30 -3.00
CA TYR D 56 -12.56 31.08 -3.51
C TYR D 56 -12.37 31.86 -4.81
N TYR D 57 -11.23 32.54 -4.93
CA TYR D 57 -10.91 33.42 -6.07
C TYR D 57 -9.53 33.18 -6.61
N SER D 58 -9.31 33.36 -7.91
CA SER D 58 -7.91 33.39 -8.40
C SER D 58 -7.30 34.67 -8.02
N ASP D 59 -5.99 34.66 -7.92
CA ASP D 59 -5.24 35.90 -7.65
C ASP D 59 -5.53 37.01 -8.66
N SER D 60 -5.88 36.67 -9.88
CA SER D 60 -6.08 37.66 -10.95
C SER D 60 -7.33 38.52 -10.71
N VAL D 61 -8.32 38.01 -9.98
CA VAL D 61 -9.56 38.78 -9.74
C VAL D 61 -9.80 39.11 -8.25
N ARG D 62 -8.86 38.77 -7.37
CA ARG D 62 -9.01 38.95 -5.93
CA ARG D 62 -9.03 38.96 -5.92
C ARG D 62 -9.26 40.44 -5.64
N GLY D 63 -10.26 40.75 -4.83
CA GLY D 63 -10.57 42.14 -4.51
C GLY D 63 -11.36 42.91 -5.58
N ARG D 64 -11.67 42.28 -6.70
CA ARG D 64 -12.45 42.91 -7.73
C ARG D 64 -13.71 42.17 -8.05
N PHE D 65 -13.70 40.84 -7.86
CA PHE D 65 -14.87 40.05 -8.12
C PHE D 65 -15.43 39.56 -6.80
N THR D 66 -16.75 39.45 -6.73
CA THR D 66 -17.41 38.90 -5.57
C THR D 66 -18.43 37.89 -6.03
N ILE D 67 -18.32 36.66 -5.55
CA ILE D 67 -19.32 35.62 -5.82
C ILE D 67 -20.25 35.47 -4.58
N SER D 68 -21.53 35.29 -4.83
CA SER D 68 -22.52 35.11 -3.78
C SER D 68 -23.58 34.10 -4.22
N GLN D 69 -24.59 33.85 -3.36
CA GLN D 69 -25.64 32.95 -3.69
C GLN D 69 -26.94 33.41 -3.05
N ASP D 70 -28.06 32.81 -3.46
CA ASP D 70 -29.35 33.09 -2.82
C ASP D 70 -29.59 32.21 -1.59
N ASN D 71 -30.58 32.54 -0.79
CA ASN D 71 -30.98 31.70 0.36
C ASN D 71 -31.40 30.29 -0.06
N ALA D 72 -32.06 30.14 -1.21
CA ALA D 72 -32.49 28.82 -1.69
C ALA D 72 -31.34 27.93 -2.21
N LYS D 73 -30.12 28.46 -2.27
CA LYS D 73 -29.00 27.72 -2.75
C LYS D 73 -29.25 27.06 -4.10
N THR D 74 -29.99 27.75 -4.94
CA THR D 74 -30.23 27.35 -6.33
C THR D 74 -29.39 28.17 -7.32
N THR D 75 -28.85 29.32 -6.89
CA THR D 75 -28.28 30.31 -7.78
C THR D 75 -26.99 30.82 -7.21
N ALA D 76 -26.06 31.19 -8.08
CA ALA D 76 -24.93 32.00 -7.71
C ALA D 76 -24.84 33.29 -8.56
N PHE D 77 -24.24 34.33 -8.01
CA PHE D 77 -24.05 35.59 -8.66
C PHE D 77 -22.58 35.94 -8.62
N LEU D 78 -22.09 36.55 -9.70
CA LEU D 78 -20.75 37.09 -9.75
C LEU D 78 -20.77 38.58 -10.12
N LEU D 79 -20.36 39.42 -9.16
CA LEU D 79 -20.19 40.85 -9.43
C LEU D 79 -18.76 41.05 -9.81
N MET D 80 -18.58 41.62 -11.00
CA MET D 80 -17.28 41.89 -11.58
C MET D 80 -17.11 43.37 -11.65
N SER D 81 -16.23 43.89 -10.79
CA SER D 81 -15.93 45.30 -10.70
C SER D 81 -14.52 45.64 -11.15
N SER D 82 -14.26 46.94 -11.31
CA SER D 82 -12.93 47.41 -11.73
C SER D 82 -12.42 46.59 -12.91
N LEU D 83 -13.29 46.36 -13.88
CA LEU D 83 -12.95 45.49 -14.97
C LEU D 83 -11.84 46.08 -15.82
N LYS D 84 -11.07 45.19 -16.42
CA LYS D 84 -10.03 45.63 -17.34
C LYS D 84 -9.84 44.71 -18.54
N PRO D 85 -9.12 45.18 -19.60
CA PRO D 85 -8.91 44.39 -20.84
C PRO D 85 -8.51 42.90 -20.67
N GLU D 86 -7.62 42.64 -19.74
CA GLU D 86 -7.29 41.29 -19.30
C GLU D 86 -8.55 40.42 -18.94
N ASP D 87 -9.67 41.04 -18.57
CA ASP D 87 -10.85 40.27 -18.14
C ASP D 87 -11.76 39.92 -19.35
N THR D 88 -11.42 40.37 -20.54
CA THR D 88 -12.20 39.99 -21.75
C THR D 88 -12.08 38.51 -22.00
N ALA D 89 -13.20 37.82 -22.07
CA ALA D 89 -13.24 36.36 -22.16
C ALA D 89 -14.63 35.84 -22.31
N ILE D 90 -14.74 34.57 -22.65
CA ILE D 90 -16.01 33.85 -22.39
C ILE D 90 -15.97 33.28 -20.97
N TYR D 91 -17.02 33.60 -20.22
CA TYR D 91 -17.22 33.15 -18.81
C TYR D 91 -18.23 32.03 -18.79
N TYR D 92 -17.84 30.91 -18.17
CA TYR D 92 -18.67 29.70 -18.13
C TYR D 92 -19.03 29.33 -16.67
N CYS D 93 -20.33 29.18 -16.41
CA CYS D 93 -20.81 28.71 -15.12
C CYS D 93 -20.43 27.23 -15.02
N ALA D 94 -20.07 26.77 -13.83
CA ALA D 94 -19.81 25.35 -13.59
C ALA D 94 -20.11 24.89 -12.16
N THR D 95 -20.31 23.59 -12.03
CA THR D 95 -20.36 22.95 -10.74
C THR D 95 -19.05 22.17 -10.60
N THR D 96 -18.65 21.90 -9.35
CA THR D 96 -17.36 21.24 -9.06
C THR D 96 -17.41 20.46 -7.74
N THR D 97 -16.49 19.54 -7.57
CA THR D 97 -16.34 18.78 -6.30
C THR D 97 -15.38 19.49 -5.36
N ASP D 98 -14.62 20.49 -5.85
CA ASP D 98 -13.53 21.11 -5.05
C ASP D 98 -13.24 22.54 -5.54
N CYS D 99 -13.60 23.54 -4.71
CA CYS D 99 -13.47 24.96 -5.10
C CYS D 99 -12.01 25.38 -5.28
N ALA D 100 -11.13 24.74 -4.52
CA ALA D 100 -9.73 25.15 -4.53
C ALA D 100 -9.07 24.65 -5.79
N ALA D 101 -9.29 23.37 -6.12
CA ALA D 101 -8.80 22.82 -7.40
C ALA D 101 -9.45 23.51 -8.59
N PHE D 102 -10.72 23.90 -8.42
CA PHE D 102 -11.46 24.64 -9.46
C PHE D 102 -10.79 25.95 -9.80
N VAL D 103 -10.42 26.71 -8.78
CA VAL D 103 -9.69 27.92 -9.03
C VAL D 103 -8.33 27.60 -9.62
N GLU D 104 -7.61 26.61 -9.09
CA GLU D 104 -6.29 26.24 -9.62
C GLU D 104 -6.32 25.63 -11.03
N ARG D 105 -7.33 24.85 -11.36
CA ARG D 105 -7.26 24.00 -12.57
C ARG D 105 -8.49 24.01 -13.42
N ALA D 106 -9.54 24.73 -13.00
CA ALA D 106 -10.80 24.76 -13.73
C ALA D 106 -11.41 23.37 -13.85
N THR D 107 -11.13 22.51 -12.87
CA THR D 107 -11.73 21.19 -12.76
C THR D 107 -13.21 21.24 -12.37
N ALA D 108 -14.08 20.83 -13.28
CA ALA D 108 -15.55 20.91 -13.10
C ALA D 108 -16.27 19.59 -13.36
N ILE D 109 -17.46 19.45 -12.79
CA ILE D 109 -18.36 18.35 -13.11
C ILE D 109 -19.12 18.65 -14.41
N THR D 110 -19.73 19.84 -14.46
CA THR D 110 -20.58 20.27 -15.58
C THR D 110 -20.36 21.74 -15.84
N ALA D 111 -20.43 22.16 -17.09
CA ALA D 111 -20.18 23.56 -17.43
C ALA D 111 -21.33 24.12 -18.25
N GLY D 112 -21.63 25.42 -18.09
CA GLY D 112 -22.66 26.08 -18.90
C GLY D 112 -22.21 26.37 -20.32
N GLN D 113 -23.08 26.98 -21.11
CA GLN D 113 -22.78 27.34 -22.50
C GLN D 113 -21.76 28.49 -22.65
N GLY D 114 -21.79 29.41 -21.70
CA GLY D 114 -20.86 30.52 -21.68
C GLY D 114 -21.51 31.85 -22.03
N THR D 115 -21.05 32.91 -21.37
CA THR D 115 -21.44 34.30 -21.66
C THR D 115 -20.19 35.13 -22.05
N GLN D 116 -20.21 35.77 -23.22
CA GLN D 116 -19.18 36.72 -23.60
C GLN D 116 -19.14 37.91 -22.64
N VAL D 117 -17.95 38.20 -22.12
CA VAL D 117 -17.69 39.49 -21.46
C VAL D 117 -16.60 40.23 -22.29
N THR D 118 -16.87 41.47 -22.70
CA THR D 118 -15.90 42.31 -23.39
C THR D 118 -15.68 43.65 -22.74
N VAL D 119 -14.44 43.90 -22.35
CA VAL D 119 -14.12 45.10 -21.60
C VAL D 119 -13.47 46.12 -22.52
N SER D 120 -14.12 47.28 -22.65
CA SER D 120 -13.67 48.48 -23.39
C SER D 120 -13.68 48.26 -24.90
N SER D 121 -14.60 47.41 -25.36
CA SER D 121 -14.51 46.82 -26.71
C SER D 121 -15.82 46.11 -27.07
CAJ 49J E . -12.18 -12.37 -13.11
CAH 49J E . -11.86 -11.73 -11.92
OAO 49J E . -13.10 -11.12 -11.51
CAI 49J E . -13.99 -12.06 -10.86
CAK 49J E . -13.67 -13.50 -11.33
NAX 49J E . -13.06 -13.50 -12.70
CAU 49J E . -13.31 -14.43 -13.60
SAP 49J E . -12.50 -14.56 -14.89
NAM 49J E . -13.31 -15.80 -15.55
CAV 49J E . -14.28 -16.11 -14.69
CAG 49J E . -15.18 -17.10 -14.80
CAW 49J E . -14.28 -15.35 -13.58
NAL 49J E . -15.18 -15.56 -12.62
CAE 49J E . -16.12 -16.57 -12.71
CAS 49J E . -16.13 -17.37 -13.82
CAR 49J E . -17.09 -18.38 -13.97
CAF 49J E . -17.53 -18.76 -15.26
CAD 49J E . -17.66 -18.97 -12.84
CAC 49J E . -18.64 -19.95 -12.97
CAQ 49J E . -19.06 -20.31 -14.24
NAB 49J E . -20.00 -21.24 -14.40
CAT 49J E . -18.52 -19.73 -15.39
OAN 49J E . -19.03 -20.19 -16.58
CAA 49J E . -18.29 -19.86 -17.80
C1 EDO F . 32.36 -31.98 11.62
O1 EDO F . 32.50 -32.11 10.21
C2 EDO F . 31.79 -33.27 12.19
O2 EDO F . 30.91 -32.92 13.26
C1 EDO G . 24.45 -40.06 -6.09
C1 EDO G . 24.87 -39.63 -5.96
O1 EDO G . 23.85 -38.74 -6.05
O1 EDO G . 24.61 -40.42 -7.13
C2 EDO G . 25.88 -40.10 -5.51
C2 EDO G . 26.15 -40.10 -5.26
O2 EDO G . 26.09 -39.15 -4.44
O2 EDO G . 26.62 -39.14 -4.27
CAJ 49J H . 9.64 10.91 15.81
CAH 49J H . 10.14 9.52 15.86
OAO 49J H . 9.13 8.66 16.55
CAI 49J H . 7.90 9.24 16.82
CAK 49J H . 8.24 10.31 17.85
NAX 49J H . 9.20 11.22 17.21
CAU 49J H . 9.71 12.27 17.85
SAP 49J H . 10.70 13.29 17.15
NAM 49J H . 10.91 14.22 18.39
CAV 49J H . 10.20 13.72 19.42
CAG 49J H . 10.17 14.24 20.66
CAW 49J H . 9.51 12.60 19.11
NAL 49J H . 8.76 11.99 20.05
CAE 49J H . 8.70 12.52 21.36
CAS 49J H . 9.40 13.69 21.67
CAR 49J H . 9.43 14.26 22.97
CAF 49J H . 10.56 15.00 23.40
CAD 49J H . 8.40 14.02 23.90
CAC 49J H . 8.48 14.57 25.19
CAQ 49J H . 9.59 15.30 25.57
NAB 49J H . 9.74 15.84 26.77
CAT 49J H . 10.62 15.54 24.69
OAN 49J H . 11.63 16.30 25.25
CAA 49J H . 12.72 16.77 24.43
C1 EDO I . -17.98 10.86 10.16
O1 EDO I . -18.73 12.00 10.54
C2 EDO I . -16.54 11.24 9.87
O2 EDO I . -15.66 10.68 10.85
C1 EDO J . -24.04 36.25 0.06
O1 EDO J . -24.20 36.74 1.38
C2 EDO J . -23.26 34.96 0.13
O2 EDO J . -23.80 34.15 -0.86
C1 EDO K . -16.69 44.18 -6.12
O1 EDO K . -17.23 42.90 -6.56
C2 EDO K . -16.10 44.13 -4.70
O2 EDO K . -14.71 44.44 -4.68
#